data_2VD8
#
_entry.id   2VD8
#
_cell.length_a   57.552
_cell.length_b   88.365
_cell.length_c   138.968
_cell.angle_alpha   90.00
_cell.angle_beta   90.00
_cell.angle_gamma   90.00
#
_symmetry.space_group_name_H-M   'P 21 21 21'
#
loop_
_entity.id
_entity.type
_entity.pdbx_description
1 polymer 'ALANINE RACEMASE'
2 non-polymer "PYRIDOXAL-5'-PHOSPHATE"
3 non-polymer 'MAGNESIUM ION'
4 non-polymer 'CHLORIDE ION'
5 water water
#
_entity_poly.entity_id   1
_entity_poly.type   'polypeptide(L)'
_entity_poly.pdbx_seq_one_letter_code
;GPMEEAPFYRDTWVEVDLDAIYNNVTHI(MLY)EFIPSDVEIFAVVKGNAYGHDYVPVA(MLY)IALEAGATRLAVAFLD
EALVLRRAGITAPILVLGPSPPRDINVAAENDVALTVFQ(MLY)EWVDEAI(MLY)LWDGSSTM(MLY)YHINFDSGMGR
IGIRER(MLY)EL(MLY)GFL(MLY)SLEGAPFLELEGVYTHFATADEVETSYFD(MLY)QYNTFLEQLSWL(MLY)EFG
VDP(MLY)FVHTANSAATLRFQGITFNAVRIGIAMYGLSPSVEIRPFLPF(MLY)LEPALSLHT(MLY)VAHIKQVI
(MLY)GDGISYNVTYRT(MLY)TEEWIATVAIGYADGWLRRLQGFEVLVNG(MLY)RVPIVGRVTMDQFMIHLPCEVPLG
T(MLY)VTLIGRQGDEYISATEVAEYSGTINYEIITTISFRVPRIFIRNG(MLY)VVEVINYLNDI
;
_entity_poly.pdbx_strand_id   A,B
#
loop_
_chem_comp.id
_chem_comp.type
_chem_comp.name
_chem_comp.formula
CL non-polymer 'CHLORIDE ION' 'Cl -1'
MG non-polymer 'MAGNESIUM ION' 'Mg 2'
PLP non-polymer PYRIDOXAL-5'-PHOSPHATE 'C8 H10 N O6 P'
#
# COMPACT_ATOMS: atom_id res chain seq x y z
N GLU A 5 12.31 -9.30 -17.78
CA GLU A 5 10.90 -8.79 -17.90
C GLU A 5 9.91 -9.77 -17.28
N ALA A 6 9.56 -9.54 -16.02
CA ALA A 6 8.59 -10.36 -15.32
C ALA A 6 7.24 -10.25 -16.03
N PRO A 7 6.51 -11.37 -16.19
CA PRO A 7 5.16 -11.26 -16.75
C PRO A 7 4.17 -10.62 -15.77
N PHE A 8 3.15 -9.96 -16.30
CA PHE A 8 2.05 -9.49 -15.50
C PHE A 8 0.77 -9.58 -16.32
N TYR A 9 -0.36 -9.78 -15.63
CA TYR A 9 -1.60 -10.21 -16.28
C TYR A 9 -2.81 -9.32 -16.02
N ARG A 10 -2.55 -8.08 -15.66
CA ARG A 10 -3.58 -7.04 -15.60
C ARG A 10 -2.94 -5.84 -16.25
N ASP A 11 -3.70 -5.09 -17.05
CA ASP A 11 -3.16 -3.94 -17.79
C ASP A 11 -3.21 -2.68 -16.94
N THR A 12 -2.54 -2.77 -15.80
CA THR A 12 -2.38 -1.67 -14.83
C THR A 12 -0.94 -1.69 -14.37
N TRP A 13 -0.25 -0.57 -14.54
CA TRP A 13 1.19 -0.57 -14.31
C TRP A 13 1.73 0.81 -13.99
N VAL A 14 2.85 0.80 -13.27
CA VAL A 14 3.69 1.97 -13.08
C VAL A 14 4.81 1.94 -14.09
N GLU A 15 5.13 3.09 -14.66
CA GLU A 15 6.32 3.23 -15.50
C GLU A 15 7.28 4.11 -14.75
N VAL A 16 8.51 3.62 -14.61
CA VAL A 16 9.60 4.39 -14.02
C VAL A 16 10.62 4.69 -15.10
N ASP A 17 10.81 5.96 -15.37
CA ASP A 17 11.77 6.40 -16.37
C ASP A 17 13.11 6.60 -15.68
N LEU A 18 13.99 5.61 -15.84
CA LEU A 18 15.31 5.65 -15.23
C LEU A 18 16.16 6.79 -15.78
N ASP A 19 15.88 7.23 -17.02
CA ASP A 19 16.58 8.39 -17.55
C ASP A 19 16.30 9.63 -16.67
N ALA A 20 15.07 9.76 -16.23
CA ALA A 20 14.67 10.90 -15.39
C ALA A 20 15.44 10.89 -14.07
N ILE A 21 15.47 9.73 -13.42
CA ILE A 21 16.22 9.57 -12.17
C ILE A 21 17.70 9.86 -12.39
N TYR A 22 18.26 9.27 -13.44
CA TYR A 22 19.66 9.51 -13.78
C TYR A 22 19.92 11.01 -13.94
N ASN A 23 19.06 11.68 -14.69
CA ASN A 23 19.23 13.11 -14.95
C ASN A 23 19.08 13.95 -13.70
N ASN A 24 18.11 13.62 -12.87
CA ASN A 24 17.93 14.36 -11.62
C ASN A 24 19.17 14.26 -10.71
N VAL A 25 19.68 13.04 -10.55
CA VAL A 25 20.86 12.83 -9.73
C VAL A 25 22.06 13.56 -10.35
N THR A 26 22.23 13.45 -11.66
N THR A 26 22.22 13.43 -11.65
CA THR A 26 23.32 14.13 -12.34
CA THR A 26 23.30 14.13 -12.37
C THR A 26 23.24 15.65 -12.12
C THR A 26 23.23 15.64 -12.13
N HIS A 27 22.04 16.22 -12.28
CA HIS A 27 21.86 17.66 -12.08
C HIS A 27 22.11 18.12 -10.64
N ILE A 28 21.66 17.33 -9.66
CA ILE A 28 21.96 17.67 -8.26
C ILE A 28 23.48 17.55 -8.00
N MLY A 29 24.11 16.49 -8.51
CA MLY A 29 25.56 16.33 -8.38
CB MLY A 29 26.00 15.02 -9.04
CG MLY A 29 27.51 14.81 -9.03
CD MLY A 29 27.85 13.52 -8.34
CE MLY A 29 27.62 13.68 -6.84
NZ MLY A 29 28.88 13.88 -6.17
CH1 MLY A 29 30.20 13.72 -6.77
CH2 MLY A 29 28.80 14.28 -4.79
C MLY A 29 26.36 17.50 -8.93
O MLY A 29 27.33 17.93 -8.31
N GLU A 30 25.93 18.03 -10.08
CA GLU A 30 26.50 19.26 -10.67
C GLU A 30 26.29 20.49 -9.82
N PHE A 31 25.19 20.53 -9.06
CA PHE A 31 24.75 21.70 -8.34
C PHE A 31 25.49 21.86 -7.00
N ILE A 32 25.80 20.73 -6.36
CA ILE A 32 26.48 20.77 -5.06
C ILE A 32 27.99 20.76 -5.27
N PRO A 33 28.76 21.19 -4.25
CA PRO A 33 30.21 21.16 -4.39
C PRO A 33 30.79 19.79 -4.77
N SER A 34 31.95 19.79 -5.39
CA SER A 34 32.55 18.56 -5.91
C SER A 34 32.96 17.58 -4.82
N ASP A 35 33.15 18.08 -3.60
CA ASP A 35 33.56 17.21 -2.48
C ASP A 35 32.39 16.80 -1.56
N VAL A 36 31.18 16.93 -2.07
CA VAL A 36 29.97 16.58 -1.29
C VAL A 36 29.31 15.36 -1.93
N GLU A 37 29.05 14.33 -1.13
CA GLU A 37 28.43 13.11 -1.66
C GLU A 37 26.90 13.17 -1.60
N ILE A 38 26.28 12.27 -2.36
CA ILE A 38 24.81 12.08 -2.37
C ILE A 38 24.45 10.70 -1.85
N PHE A 39 23.62 10.69 -0.80
CA PHE A 39 22.88 9.48 -0.42
C PHE A 39 21.63 9.47 -1.29
N ALA A 40 21.41 8.39 -2.03
CA ALA A 40 20.14 8.21 -2.74
C ALA A 40 19.19 7.56 -1.74
N VAL A 41 18.13 8.28 -1.38
CA VAL A 41 17.22 7.79 -0.34
C VAL A 41 16.12 6.94 -0.99
N VAL A 42 16.13 5.63 -0.70
CA VAL A 42 15.26 4.68 -1.36
C VAL A 42 14.32 3.98 -0.36
N LYS A 43 14.10 4.62 0.80
CA LYS A 43 13.09 4.14 1.74
C LYS A 43 11.71 4.08 1.07
N GLY A 44 10.82 3.26 1.62
CA GLY A 44 9.45 3.18 1.10
C GLY A 44 9.36 2.61 -0.32
N ASN A 45 10.09 1.51 -0.54
CA ASN A 45 10.16 0.93 -1.89
C ASN A 45 10.62 1.98 -2.91
N ALA A 46 11.69 2.71 -2.58
CA ALA A 46 12.16 3.82 -3.42
C ALA A 46 11.02 4.80 -3.74
N TYR A 47 10.26 5.20 -2.72
CA TYR A 47 9.13 6.12 -2.90
C TYR A 47 8.19 5.59 -3.99
N GLY A 48 7.98 4.28 -3.95
CA GLY A 48 7.09 3.58 -4.87
C GLY A 48 7.66 3.24 -6.23
N HIS A 49 8.91 3.60 -6.47
CA HIS A 49 9.56 3.37 -7.77
C HIS A 49 10.33 2.03 -7.81
N ASP A 50 10.49 1.36 -6.65
CA ASP A 50 11.18 0.06 -6.46
C ASP A 50 12.65 0.21 -6.00
N TYR A 51 12.95 -0.43 -4.87
CA TYR A 51 14.24 -0.33 -4.22
C TYR A 51 15.42 -0.44 -5.20
N VAL A 52 15.48 -1.57 -5.89
CA VAL A 52 16.73 -1.97 -6.55
C VAL A 52 17.04 -1.16 -7.82
N PRO A 53 16.10 -1.09 -8.79
CA PRO A 53 16.44 -0.32 -9.97
C PRO A 53 16.81 1.15 -9.68
N VAL A 54 16.10 1.79 -8.75
CA VAL A 54 16.42 3.17 -8.41
C VAL A 54 17.81 3.24 -7.79
N ALA A 55 18.09 2.38 -6.81
CA ALA A 55 19.42 2.38 -6.20
C ALA A 55 20.52 2.23 -7.27
N MLY A 56 20.35 1.27 -8.17
CA MLY A 56 21.35 1.04 -9.22
CB MLY A 56 21.01 -0.22 -10.03
CG MLY A 56 21.24 -1.48 -9.17
CD MLY A 56 20.98 -2.77 -9.95
CE MLY A 56 21.30 -4.01 -9.11
NZ MLY A 56 21.60 -5.12 -10.01
CH1 MLY A 56 20.75 -5.38 -11.17
CH2 MLY A 56 22.74 -5.98 -9.74
C MLY A 56 21.57 2.22 -10.12
O MLY A 56 22.72 2.62 -10.39
N ILE A 57 20.49 2.84 -10.59
CA ILE A 57 20.63 3.98 -11.51
C ILE A 57 21.21 5.20 -10.79
N ALA A 58 20.84 5.40 -9.52
CA ALA A 58 21.34 6.55 -8.77
C ALA A 58 22.84 6.43 -8.62
N LEU A 59 23.29 5.22 -8.30
CA LEU A 59 24.73 4.96 -8.17
C LEU A 59 25.45 5.16 -9.50
N GLU A 60 24.84 4.69 -10.59
CA GLU A 60 25.42 4.94 -11.92
C GLU A 60 25.54 6.42 -12.22
N ALA A 61 24.56 7.20 -11.78
CA ALA A 61 24.54 8.66 -12.03
C ALA A 61 25.49 9.45 -11.12
N GLY A 62 26.09 8.79 -10.13
CA GLY A 62 27.08 9.47 -9.29
C GLY A 62 26.75 9.59 -7.81
N ALA A 63 25.59 9.10 -7.37
CA ALA A 63 25.37 8.96 -5.93
C ALA A 63 26.33 7.91 -5.46
N THR A 64 26.79 8.02 -4.23
CA THR A 64 27.80 7.06 -3.75
C THR A 64 27.30 6.20 -2.60
N ARG A 65 26.15 6.55 -2.07
CA ARG A 65 25.61 5.90 -0.86
C ARG A 65 24.11 5.79 -1.00
N LEU A 66 23.53 4.91 -0.19
CA LEU A 66 22.09 4.70 -0.16
C LEU A 66 21.56 4.85 1.24
N ALA A 67 20.29 5.22 1.35
CA ALA A 67 19.64 5.24 2.66
C ALA A 67 18.26 4.62 2.57
N VAL A 68 17.88 3.93 3.64
CA VAL A 68 16.60 3.25 3.75
C VAL A 68 15.97 3.55 5.09
N ALA A 69 14.76 3.04 5.33
CA ALA A 69 14.04 3.30 6.58
C ALA A 69 14.36 2.29 7.70
N PHE A 70 14.50 1.03 7.32
CA PHE A 70 14.76 0.00 8.30
C PHE A 70 15.55 -1.16 7.67
N LEU A 71 16.07 -2.04 8.51
CA LEU A 71 17.10 -2.99 8.08
C LEU A 71 16.67 -3.93 6.95
N ASP A 72 15.42 -4.40 7.00
CA ASP A 72 14.94 -5.32 5.95
C ASP A 72 15.09 -4.70 4.57
N GLU A 73 14.87 -3.39 4.46
CA GLU A 73 14.98 -2.69 3.17
C GLU A 73 16.42 -2.71 2.65
N ALA A 74 17.38 -2.56 3.56
CA ALA A 74 18.78 -2.61 3.23
C ALA A 74 19.17 -3.99 2.70
N LEU A 75 18.57 -5.02 3.29
CA LEU A 75 18.86 -6.41 2.91
C LEU A 75 18.33 -6.73 1.50
N VAL A 76 17.23 -6.11 1.11
CA VAL A 76 16.77 -6.23 -0.27
C VAL A 76 17.88 -5.77 -1.23
N LEU A 77 18.47 -4.63 -0.92
CA LEU A 77 19.54 -4.06 -1.73
C LEU A 77 20.77 -4.97 -1.74
N ARG A 78 21.18 -5.42 -0.56
CA ARG A 78 22.33 -6.33 -0.49
C ARG A 78 22.13 -7.63 -1.27
N ARG A 79 20.94 -8.21 -1.21
CA ARG A 79 20.69 -9.47 -1.92
C ARG A 79 20.75 -9.26 -3.43
N ALA A 80 20.54 -8.02 -3.87
CA ALA A 80 20.60 -7.65 -5.29
C ALA A 80 22.03 -7.41 -5.78
N GLY A 81 23.02 -7.59 -4.90
CA GLY A 81 24.41 -7.43 -5.28
C GLY A 81 24.95 -6.02 -5.15
N ILE A 82 24.17 -5.12 -4.57
CA ILE A 82 24.64 -3.78 -4.29
C ILE A 82 25.61 -3.83 -3.11
N THR A 83 26.78 -3.22 -3.32
CA THR A 83 27.86 -3.16 -2.32
C THR A 83 28.14 -1.75 -1.78
N ALA A 84 27.47 -0.74 -2.34
CA ALA A 84 27.61 0.65 -1.88
C ALA A 84 27.17 0.78 -0.43
N PRO A 85 27.70 1.79 0.28
CA PRO A 85 27.24 1.95 1.66
C PRO A 85 25.72 2.16 1.78
N ILE A 86 25.13 1.61 2.85
CA ILE A 86 23.71 1.78 3.11
C ILE A 86 23.53 2.18 4.57
N LEU A 87 22.76 3.26 4.79
CA LEU A 87 22.43 3.73 6.13
C LEU A 87 20.94 3.58 6.35
N VAL A 88 20.59 2.96 7.48
CA VAL A 88 19.22 2.97 7.98
C VAL A 88 18.95 4.28 8.74
N LEU A 89 17.96 5.04 8.28
CA LEU A 89 17.63 6.37 8.82
C LEU A 89 16.68 6.32 9.99
N GLY A 90 15.76 5.36 9.98
CA GLY A 90 14.83 5.20 11.07
C GLY A 90 15.45 4.48 12.24
N PRO A 91 14.68 4.33 13.32
CA PRO A 91 15.19 3.60 14.47
C PRO A 91 15.20 2.09 14.16
N SER A 92 16.08 1.37 14.85
CA SER A 92 16.19 -0.07 14.74
C SER A 92 16.24 -0.65 16.13
N PRO A 93 15.70 -1.87 16.31
CA PRO A 93 15.84 -2.54 17.63
C PRO A 93 17.26 -3.07 17.81
N PRO A 94 17.76 -3.10 19.05
CA PRO A 94 19.13 -3.57 19.30
C PRO A 94 19.45 -4.99 18.81
N ARG A 95 18.43 -5.86 18.72
CA ARG A 95 18.61 -7.23 18.19
C ARG A 95 19.15 -7.25 16.75
N ASP A 96 19.14 -6.10 16.09
CA ASP A 96 19.63 -5.97 14.70
C ASP A 96 21.16 -5.86 14.57
N ILE A 97 21.86 -5.74 15.70
CA ILE A 97 23.26 -5.35 15.71
C ILE A 97 24.17 -6.26 14.86
N ASN A 98 24.08 -7.57 15.07
CA ASN A 98 24.99 -8.50 14.39
C ASN A 98 24.61 -8.67 12.91
N VAL A 99 23.31 -8.68 12.63
CA VAL A 99 22.85 -8.83 11.27
C VAL A 99 23.24 -7.59 10.42
N ALA A 100 23.06 -6.40 10.99
CA ALA A 100 23.50 -5.20 10.29
C ALA A 100 25.00 -5.23 10.03
N ALA A 101 25.79 -5.61 11.04
CA ALA A 101 27.24 -5.72 10.87
C ALA A 101 27.60 -6.71 9.75
N GLU A 102 26.98 -7.87 9.79
CA GLU A 102 27.28 -8.95 8.83
C GLU A 102 27.00 -8.51 7.40
N ASN A 103 25.98 -7.67 7.24
CA ASN A 103 25.58 -7.20 5.92
C ASN A 103 26.10 -5.80 5.58
N ASP A 104 27.05 -5.30 6.35
CA ASP A 104 27.68 -4.00 6.08
C ASP A 104 26.65 -2.87 5.94
N VAL A 105 25.67 -2.87 6.82
CA VAL A 105 24.66 -1.81 6.87
C VAL A 105 24.89 -0.98 8.13
N ALA A 106 24.98 0.33 7.97
CA ALA A 106 25.13 1.23 9.11
C ALA A 106 23.72 1.51 9.65
N LEU A 107 23.60 1.60 10.96
CA LEU A 107 22.34 2.01 11.60
C LEU A 107 22.43 3.38 12.23
N THR A 108 21.28 4.04 12.34
CA THR A 108 21.19 5.23 13.13
C THR A 108 21.13 4.76 14.58
N VAL A 109 22.07 5.25 15.40
CA VAL A 109 22.19 4.88 16.82
C VAL A 109 22.36 6.19 17.61
N PHE A 110 21.58 6.34 18.68
CA PHE A 110 21.52 7.63 19.37
C PHE A 110 21.04 7.54 20.83
N GLN A 111 20.99 6.33 21.41
CA GLN A 111 20.45 6.11 22.75
C GLN A 111 21.39 5.25 23.58
N MLY A 112 21.68 5.69 24.80
CA MLY A 112 22.48 4.87 25.70
CB MLY A 112 22.77 5.65 27.00
CG MLY A 112 21.63 5.76 27.97
CD MLY A 112 22.09 6.45 29.26
CE MLY A 112 20.85 6.91 30.03
NZ MLY A 112 21.18 7.25 31.41
CH1 MLY A 112 22.35 6.72 32.10
CH2 MLY A 112 20.27 8.13 32.14
C MLY A 112 21.80 3.52 25.91
O MLY A 112 22.47 2.49 25.99
N GLU A 113 20.48 3.52 25.97
CA GLU A 113 19.71 2.31 26.24
C GLU A 113 19.91 1.29 25.11
N TRP A 114 19.95 1.76 23.86
CA TRP A 114 20.21 0.89 22.71
C TRP A 114 21.59 0.24 22.84
N VAL A 115 22.60 1.06 23.15
CA VAL A 115 23.96 0.56 23.33
C VAL A 115 23.99 -0.47 24.45
N ASP A 116 23.37 -0.14 25.59
CA ASP A 116 23.31 -1.09 26.73
C ASP A 116 22.72 -2.45 26.31
N GLU A 117 21.65 -2.43 25.52
CA GLU A 117 21.04 -3.67 25.04
C GLU A 117 21.89 -4.36 23.96
N ALA A 118 22.53 -3.58 23.09
CA ALA A 118 23.39 -4.16 22.06
C ALA A 118 24.57 -4.93 22.67
N ILE A 119 25.12 -4.39 23.75
CA ILE A 119 26.19 -5.07 24.49
C ILE A 119 25.73 -6.49 24.88
N MLY A 120 24.49 -6.59 25.35
CA MLY A 120 23.91 -7.88 25.77
CB MLY A 120 22.58 -7.71 26.48
CG MLY A 120 22.69 -6.86 27.76
CD MLY A 120 21.32 -6.57 28.38
CE MLY A 120 21.46 -5.49 29.45
NZ MLY A 120 20.16 -5.18 30.05
CH1 MLY A 120 19.19 -6.23 30.33
CH2 MLY A 120 19.85 -3.81 30.41
C MLY A 120 23.72 -8.86 24.64
O MLY A 120 23.73 -10.08 24.85
N LEU A 121 23.52 -8.33 23.43
CA LEU A 121 23.21 -9.16 22.25
C LEU A 121 24.39 -9.36 21.29
N TRP A 122 25.49 -8.64 21.53
CA TRP A 122 26.65 -8.70 20.65
C TRP A 122 27.24 -10.12 20.58
N ASP A 123 27.59 -10.55 19.37
CA ASP A 123 28.19 -11.89 19.15
C ASP A 123 29.67 -11.96 19.50
N GLY A 124 30.24 -10.85 19.93
CA GLY A 124 31.62 -10.85 20.42
C GLY A 124 32.66 -10.59 19.36
N SER A 125 32.27 -10.49 18.09
CA SER A 125 33.20 -10.18 17.01
C SER A 125 32.75 -9.15 15.97
N SER A 126 31.46 -9.10 15.68
CA SER A 126 30.95 -8.16 14.69
C SER A 126 31.24 -6.70 15.03
N THR A 127 31.66 -5.92 14.03
CA THR A 127 31.72 -4.47 14.16
C THR A 127 30.59 -3.86 13.35
N MET A 128 29.75 -3.06 14.00
CA MET A 128 28.66 -2.38 13.35
C MET A 128 28.91 -0.88 13.24
N MLY A 129 28.73 -0.38 12.03
CA MLY A 129 28.82 1.07 11.76
CB MLY A 129 28.96 1.29 10.24
CG MLY A 129 30.25 0.68 9.70
CD MLY A 129 30.18 0.57 8.16
CE MLY A 129 31.39 -0.21 7.64
NZ MLY A 129 31.65 0.03 6.22
CH1 MLY A 129 30.97 1.05 5.44
CH2 MLY A 129 32.70 -0.77 5.60
C MLY A 129 27.56 1.75 12.21
O MLY A 129 26.45 1.22 12.06
N TYR A 130 27.70 2.98 12.72
CA TYR A 130 26.51 3.77 13.05
C TYR A 130 26.70 5.25 12.73
N HIS A 131 25.58 5.96 12.57
CA HIS A 131 25.57 7.40 12.44
C HIS A 131 24.75 7.89 13.62
N ILE A 132 25.23 8.94 14.27
CA ILE A 132 24.47 9.62 15.31
C ILE A 132 23.47 10.57 14.66
N ASN A 133 22.20 10.46 15.05
CA ASN A 133 21.19 11.43 14.64
C ASN A 133 21.09 12.42 15.77
N PHE A 134 21.26 13.70 15.45
CA PHE A 134 20.97 14.80 16.34
C PHE A 134 19.64 15.38 15.91
N ASP A 135 18.72 15.47 16.87
CA ASP A 135 17.42 16.09 16.67
C ASP A 135 17.60 17.58 16.95
N SER A 136 17.64 18.38 15.89
CA SER A 136 17.81 19.84 15.99
C SER A 136 16.45 20.56 15.88
N GLY A 137 15.35 19.82 15.97
CA GLY A 137 14.02 20.43 15.88
C GLY A 137 12.98 19.70 15.04
N MET A 138 13.36 18.56 14.44
CA MET A 138 12.39 17.68 13.79
C MET A 138 11.55 16.93 14.84
N GLY A 139 12.10 16.66 16.02
CA GLY A 139 11.32 16.06 17.11
C GLY A 139 10.97 14.59 16.94
N ARG A 140 11.64 13.91 16.02
CA ARG A 140 11.29 12.53 15.65
C ARG A 140 12.17 11.53 16.39
N ILE A 141 13.40 11.35 15.92
CA ILE A 141 14.40 10.61 16.68
C ILE A 141 15.67 11.45 16.74
N GLY A 142 16.62 10.99 17.55
CA GLY A 142 17.91 11.66 17.68
C GLY A 142 18.09 12.35 19.02
N ILE A 143 19.36 12.60 19.34
CA ILE A 143 19.76 13.25 20.58
C ILE A 143 19.45 14.75 20.54
N ARG A 144 18.94 15.25 21.66
CA ARG A 144 18.50 16.64 21.77
C ARG A 144 19.32 17.44 22.77
N GLU A 145 19.97 16.78 23.72
CA GLU A 145 20.63 17.48 24.84
C GLU A 145 22.04 17.02 25.07
N ARG A 146 22.84 17.94 25.61
CA ARG A 146 24.24 17.70 25.86
C ARG A 146 24.45 16.57 26.87
N MLY A 147 23.70 16.56 27.96
CA MLY A 147 23.86 15.53 28.99
CB MLY A 147 23.20 15.96 30.29
CG MLY A 147 24.06 17.08 30.89
CD MLY A 147 23.86 17.33 32.39
CE MLY A 147 25.08 18.13 32.83
NZ MLY A 147 24.97 18.48 34.23
CH1 MLY A 147 24.76 17.47 35.26
CH2 MLY A 147 25.11 19.88 34.59
C MLY A 147 23.41 14.19 28.48
O MLY A 147 23.99 13.15 28.83
N GLU A 148 22.40 14.21 27.62
CA GLU A 148 21.95 13.02 26.91
C GLU A 148 23.09 12.46 26.03
N LEU A 149 23.75 13.31 25.24
CA LEU A 149 24.91 12.90 24.46
C LEU A 149 25.99 12.31 25.37
N MLY A 150 26.26 12.98 26.49
CA MLY A 150 27.26 12.49 27.41
CB MLY A 150 27.27 13.38 28.64
CG MLY A 150 28.60 14.06 28.74
CD MLY A 150 29.43 13.46 29.85
CE MLY A 150 29.04 14.14 31.17
NZ MLY A 150 30.19 14.10 32.07
CH1 MLY A 150 31.56 13.92 31.59
CH2 MLY A 150 29.95 14.26 33.50
C MLY A 150 27.01 11.08 27.84
O MLY A 150 27.91 10.23 27.82
N GLY A 151 25.76 10.81 28.22
CA GLY A 151 25.36 9.48 28.68
C GLY A 151 25.54 8.43 27.59
N PHE A 152 25.15 8.80 26.37
CA PHE A 152 25.31 7.96 25.21
C PHE A 152 26.78 7.61 24.99
N LEU A 153 27.65 8.63 25.01
CA LEU A 153 29.07 8.38 24.82
C LEU A 153 29.67 7.51 25.94
N MLY A 154 29.18 7.67 27.19
CA MLY A 154 29.62 6.81 28.30
CB MLY A 154 29.03 7.28 29.62
CG MLY A 154 29.62 6.52 30.82
CD MLY A 154 28.97 7.04 32.10
CE MLY A 154 29.62 6.39 33.32
NZ MLY A 154 28.55 6.07 34.28
CH1 MLY A 154 28.43 4.71 34.77
CH2 MLY A 154 27.62 7.11 34.73
C MLY A 154 29.27 5.35 28.06
O MLY A 154 30.10 4.47 28.29
N SER A 155 28.07 5.09 27.57
N SER A 155 28.06 5.10 27.58
CA SER A 155 27.66 3.71 27.28
CA SER A 155 27.65 3.72 27.29
C SER A 155 28.54 3.11 26.19
C SER A 155 28.51 3.10 26.18
N LEU A 156 28.89 3.91 25.19
CA LEU A 156 29.74 3.46 24.09
C LEU A 156 31.13 2.99 24.54
N GLU A 157 31.56 3.43 25.73
CA GLU A 157 32.85 2.97 26.26
C GLU A 157 32.85 1.45 26.42
N GLY A 158 31.68 0.90 26.72
CA GLY A 158 31.53 -0.55 26.89
C GLY A 158 31.20 -1.32 25.62
N ALA A 159 31.19 -0.62 24.48
CA ALA A 159 30.80 -1.19 23.20
C ALA A 159 31.79 -0.82 22.10
N PRO A 160 33.00 -1.40 22.14
CA PRO A 160 34.04 -1.09 21.15
C PRO A 160 33.66 -1.56 19.74
N PHE A 161 32.66 -2.42 19.67
CA PHE A 161 32.21 -3.02 18.42
C PHE A 161 31.28 -2.08 17.64
N LEU A 162 30.94 -0.93 18.22
CA LEU A 162 30.15 0.09 17.55
C LEU A 162 31.10 1.19 17.06
N GLU A 163 31.13 1.42 15.74
CA GLU A 163 32.09 2.31 15.11
C GLU A 163 31.34 3.49 14.44
N LEU A 164 31.62 4.71 14.88
CA LEU A 164 30.94 5.87 14.32
C LEU A 164 31.42 6.09 12.89
N GLU A 165 30.48 6.19 11.95
CA GLU A 165 30.77 6.51 10.56
C GLU A 165 30.40 7.96 10.24
N GLY A 166 29.35 8.49 10.87
CA GLY A 166 28.91 9.85 10.58
C GLY A 166 27.89 10.37 11.56
N VAL A 167 27.46 11.61 11.32
CA VAL A 167 26.58 12.37 12.23
C VAL A 167 25.68 13.22 11.37
N TYR A 168 24.41 13.32 11.75
CA TYR A 168 23.44 13.97 10.91
C TYR A 168 22.31 14.60 11.67
N THR A 169 21.63 15.52 11.00
CA THR A 169 20.34 16.01 11.47
C THR A 169 19.42 16.09 10.26
N HIS A 170 18.16 16.48 10.50
CA HIS A 170 17.12 16.55 9.48
C HIS A 170 16.27 17.79 9.74
N PHE A 171 15.92 18.48 8.66
CA PHE A 171 15.15 19.72 8.73
C PHE A 171 13.65 19.45 8.60
N ALA A 172 12.88 20.13 9.45
CA ALA A 172 11.42 19.98 9.50
C ALA A 172 10.69 20.95 8.58
N THR A 173 11.36 22.02 8.16
CA THR A 173 10.68 23.11 7.47
C THR A 173 11.42 23.66 6.24
N ALA A 174 12.35 22.90 5.68
CA ALA A 174 13.12 23.41 4.54
C ALA A 174 12.24 23.63 3.29
N ASP A 175 11.03 23.07 3.27
CA ASP A 175 10.12 23.23 2.13
C ASP A 175 9.11 24.37 2.35
N GLU A 176 9.36 25.21 3.35
CA GLU A 176 8.54 26.40 3.61
C GLU A 176 9.29 27.64 3.14
N VAL A 177 8.57 28.57 2.53
CA VAL A 177 9.21 29.77 1.97
C VAL A 177 9.98 30.59 3.04
N GLU A 178 9.33 30.87 4.17
CA GLU A 178 9.93 31.64 5.27
C GLU A 178 10.86 30.70 6.03
N THR A 179 12.04 31.19 6.42
CA THR A 179 13.12 30.32 6.82
C THR A 179 13.53 30.38 8.29
N SER A 180 12.71 30.96 9.16
CA SER A 180 13.10 31.15 10.58
C SER A 180 13.44 29.85 11.30
N TYR A 181 12.56 28.86 11.18
CA TYR A 181 12.74 27.60 11.89
C TYR A 181 13.94 26.83 11.33
N PHE A 182 14.13 26.91 10.01
CA PHE A 182 15.31 26.30 9.39
C PHE A 182 16.60 26.90 9.95
N ASP A 183 16.63 28.23 10.07
CA ASP A 183 17.81 28.90 10.62
C ASP A 183 18.08 28.48 12.06
N MLY A 184 17.02 28.35 12.85
CA MLY A 184 17.14 27.88 14.22
CB MLY A 184 15.77 27.96 14.87
CG MLY A 184 15.75 27.49 16.32
CD MLY A 184 14.34 27.09 16.69
CE MLY A 184 14.25 26.64 18.15
NZ MLY A 184 14.28 27.81 19.02
CH1 MLY A 184 13.54 29.03 18.69
CH2 MLY A 184 15.07 27.77 20.24
C MLY A 184 17.71 26.47 14.26
O MLY A 184 18.60 26.18 15.05
N GLN A 185 17.22 25.59 13.39
CA GLN A 185 17.75 24.23 13.37
C GLN A 185 19.24 24.20 13.01
N TYR A 186 19.62 24.97 12.01
CA TYR A 186 21.01 25.02 11.62
C TYR A 186 21.88 25.43 12.82
N ASN A 187 21.50 26.51 13.50
CA ASN A 187 22.30 27.00 14.65
C ASN A 187 22.36 26.00 15.77
N THR A 188 21.24 25.32 16.00
CA THR A 188 21.19 24.26 17.01
C THR A 188 22.11 23.09 16.62
N PHE A 189 22.12 22.74 15.35
CA PHE A 189 22.96 21.63 14.93
C PHE A 189 24.45 21.96 15.15
N LEU A 190 24.84 23.21 14.91
CA LEU A 190 26.24 23.58 15.14
C LEU A 190 26.58 23.52 16.63
N GLU A 191 25.64 23.93 17.47
CA GLU A 191 25.79 23.77 18.91
C GLU A 191 25.99 22.27 19.28
N GLN A 192 25.16 21.41 18.70
CA GLN A 192 25.25 19.99 18.96
C GLN A 192 26.60 19.42 18.49
N LEU A 193 27.08 19.82 17.30
CA LEU A 193 28.43 19.43 16.86
C LEU A 193 29.50 19.83 17.89
N SER A 194 29.31 20.98 18.53
CA SER A 194 30.24 21.46 19.55
C SER A 194 30.23 20.61 20.82
N TRP A 195 29.14 19.90 21.09
CA TRP A 195 29.12 18.94 22.21
C TRP A 195 30.07 17.76 21.91
N LEU A 196 30.00 17.25 20.68
CA LEU A 196 30.95 16.20 20.25
C LEU A 196 32.38 16.69 20.40
N MLY A 197 32.63 17.94 20.03
CA MLY A 197 33.98 18.52 20.15
CB MLY A 197 34.02 19.92 19.57
CG MLY A 197 35.45 20.42 19.40
CD MLY A 197 35.68 21.07 18.05
CE MLY A 197 37.15 21.44 17.92
NZ MLY A 197 37.29 22.48 16.90
CH1 MLY A 197 38.26 23.56 17.09
CH2 MLY A 197 36.49 22.47 15.67
C MLY A 197 34.40 18.53 21.59
O MLY A 197 35.52 18.10 21.94
N GLU A 198 33.52 18.99 22.46
CA GLU A 198 33.78 18.99 23.88
C GLU A 198 34.16 17.61 24.41
N PHE A 199 33.45 16.58 23.93
CA PHE A 199 33.65 15.23 24.44
C PHE A 199 34.65 14.40 23.66
N GLY A 200 35.38 15.04 22.75
CA GLY A 200 36.54 14.41 22.13
C GLY A 200 36.20 13.48 20.98
N VAL A 201 35.05 13.68 20.33
CA VAL A 201 34.58 12.80 19.24
C VAL A 201 34.56 13.55 17.91
N ASP A 202 35.24 13.00 16.92
CA ASP A 202 35.21 13.50 15.55
C ASP A 202 33.92 13.02 14.90
N PRO A 203 33.06 13.95 14.39
CA PRO A 203 31.85 13.51 13.72
C PRO A 203 32.11 12.82 12.38
N MLY A 204 33.29 13.07 11.80
CA MLY A 204 33.83 12.37 10.61
CB MLY A 204 33.90 10.85 10.75
CG MLY A 204 34.89 10.44 11.82
CD MLY A 204 35.34 8.99 11.66
CE MLY A 204 36.56 8.75 12.57
NZ MLY A 204 37.05 7.37 12.44
CH1 MLY A 204 36.47 6.41 11.52
CH2 MLY A 204 38.16 6.95 13.28
C MLY A 204 33.19 12.65 9.28
O MLY A 204 33.89 12.90 8.28
N PHE A 205 31.86 12.59 9.24
CA PHE A 205 31.10 12.56 7.98
C PHE A 205 29.73 13.12 8.32
N VAL A 206 29.53 14.39 8.02
CA VAL A 206 28.38 15.13 8.46
C VAL A 206 27.46 15.38 7.29
N HIS A 207 26.16 15.19 7.53
CA HIS A 207 25.12 15.35 6.53
C HIS A 207 23.85 15.89 7.19
N THR A 208 23.24 16.89 6.55
CA THR A 208 22.01 17.49 7.08
C THR A 208 20.86 17.64 6.10
N ALA A 209 21.18 17.77 4.81
CA ALA A 209 20.21 18.34 3.86
C ALA A 209 19.41 17.29 3.11
N ASN A 210 18.09 17.46 3.15
CA ASN A 210 17.17 16.74 2.28
C ASN A 210 17.07 17.43 0.91
N SER A 211 16.13 17.02 0.06
CA SER A 211 16.01 17.67 -1.26
C SER A 211 15.80 19.18 -1.15
N ALA A 212 14.87 19.59 -0.30
CA ALA A 212 14.51 20.99 -0.21
C ALA A 212 15.72 21.83 0.26
N ALA A 213 16.38 21.37 1.31
CA ALA A 213 17.51 22.12 1.87
C ALA A 213 18.65 22.19 0.86
N THR A 214 18.93 21.06 0.22
CA THR A 214 19.98 21.01 -0.80
C THR A 214 19.73 22.01 -1.93
N LEU A 215 18.48 22.09 -2.38
CA LEU A 215 18.17 22.90 -3.57
C LEU A 215 17.87 24.36 -3.23
N ARG A 216 18.02 24.72 -1.97
CA ARG A 216 17.75 26.09 -1.55
C ARG A 216 18.92 26.83 -0.92
N PHE A 217 19.60 26.20 0.04
CA PHE A 217 20.42 26.94 0.99
C PHE A 217 21.91 26.73 0.89
N GLN A 218 22.63 27.81 1.13
CA GLN A 218 24.08 27.74 1.08
C GLN A 218 24.58 27.29 2.44
N GLY A 219 25.69 26.57 2.41
CA GLY A 219 26.41 26.20 3.63
C GLY A 219 25.80 25.07 4.44
N ILE A 220 24.88 24.31 3.85
CA ILE A 220 24.32 23.14 4.57
C ILE A 220 24.67 21.82 3.90
N THR A 221 25.62 21.83 2.98
CA THR A 221 25.99 20.61 2.28
C THR A 221 26.91 19.73 3.11
N PHE A 222 27.70 20.34 4.00
CA PHE A 222 28.62 19.58 4.85
C PHE A 222 29.36 18.56 4.00
N ASN A 223 29.36 17.27 4.37
CA ASN A 223 30.09 16.26 3.60
C ASN A 223 29.21 15.48 2.63
N ALA A 224 27.89 15.59 2.79
CA ALA A 224 26.95 14.81 2.00
C ALA A 224 25.54 15.33 2.19
N VAL A 225 24.70 15.08 1.18
CA VAL A 225 23.28 15.41 1.20
C VAL A 225 22.48 14.11 1.02
N ARG A 226 21.22 14.12 1.45
CA ARG A 226 20.34 12.95 1.42
C ARG A 226 19.13 13.28 0.55
N ILE A 227 19.13 12.77 -0.67
CA ILE A 227 18.12 13.12 -1.65
C ILE A 227 17.08 12.02 -1.87
N GLY A 228 15.83 12.35 -1.58
CA GLY A 228 14.69 11.50 -1.91
C GLY A 228 13.91 12.13 -3.03
N ILE A 229 12.92 12.95 -2.66
CA ILE A 229 11.89 13.42 -3.60
C ILE A 229 12.45 14.04 -4.90
N ALA A 230 13.50 14.84 -4.82
CA ALA A 230 14.05 15.49 -6.02
C ALA A 230 14.68 14.47 -6.98
N MET A 231 15.20 13.35 -6.46
CA MET A 231 15.74 12.29 -7.30
C MET A 231 14.63 11.67 -8.16
N TYR A 232 13.44 11.60 -7.57
CA TYR A 232 12.24 11.11 -8.27
C TYR A 232 11.61 12.15 -9.18
N GLY A 233 12.18 13.36 -9.16
CA GLY A 233 11.80 14.42 -10.07
C GLY A 233 10.60 15.26 -9.65
N LEU A 234 10.30 15.29 -8.36
CA LEU A 234 9.16 16.04 -7.85
C LEU A 234 9.60 17.08 -6.83
N SER A 235 8.84 18.18 -6.74
CA SER A 235 9.18 19.22 -5.80
C SER A 235 8.81 18.82 -4.39
N PRO A 236 9.69 19.09 -3.42
CA PRO A 236 9.38 18.85 -2.00
C PRO A 236 8.05 19.47 -1.54
N SER A 237 7.73 20.64 -2.06
CA SER A 237 6.44 21.30 -1.78
C SER A 237 5.97 22.16 -2.94
N VAL A 238 4.68 22.41 -2.96
CA VAL A 238 4.12 23.32 -3.95
C VAL A 238 4.68 24.73 -3.82
N GLU A 239 4.94 25.17 -2.60
CA GLU A 239 5.38 26.56 -2.41
C GLU A 239 6.82 26.82 -2.85
N ILE A 240 7.70 25.81 -2.80
CA ILE A 240 9.07 26.03 -3.29
C ILE A 240 9.26 25.67 -4.78
N ARG A 241 8.29 24.97 -5.37
CA ARG A 241 8.40 24.55 -6.75
C ARG A 241 8.79 25.68 -7.70
N PRO A 242 8.11 26.85 -7.58
CA PRO A 242 8.36 27.90 -8.57
C PRO A 242 9.81 28.34 -8.71
N PHE A 243 10.58 28.24 -7.63
CA PHE A 243 11.94 28.77 -7.61
C PHE A 243 13.04 27.73 -7.45
N LEU A 244 12.76 26.48 -7.80
CA LEU A 244 13.84 25.49 -7.87
C LEU A 244 14.90 25.96 -8.88
N PRO A 245 16.18 25.64 -8.62
CA PRO A 245 17.28 26.14 -9.46
C PRO A 245 17.41 25.53 -10.85
N PHE A 246 16.74 24.40 -11.07
CA PHE A 246 16.66 23.80 -12.39
C PHE A 246 15.46 22.87 -12.41
N MLY A 247 15.07 22.44 -13.62
CA MLY A 247 13.87 21.62 -13.78
CB MLY A 247 13.42 21.67 -15.24
CG MLY A 247 12.83 23.04 -15.55
CD MLY A 247 11.41 23.19 -14.99
CE MLY A 247 11.01 24.66 -14.83
NZ MLY A 247 10.33 25.06 -16.06
CH1 MLY A 247 9.04 24.45 -16.43
CH2 MLY A 247 10.91 26.09 -16.91
C MLY A 247 14.09 20.19 -13.35
O MLY A 247 15.07 19.56 -13.72
N LEU A 248 13.18 19.72 -12.50
CA LEU A 248 13.15 18.33 -12.08
C LEU A 248 12.34 17.53 -13.08
N GLU A 249 12.76 16.29 -13.33
CA GLU A 249 12.17 15.44 -14.35
C GLU A 249 11.40 14.30 -13.68
N PRO A 250 10.05 14.35 -13.67
CA PRO A 250 9.30 13.29 -12.98
C PRO A 250 9.57 11.91 -13.56
N ALA A 251 9.81 10.95 -12.67
CA ALA A 251 10.22 9.61 -13.06
C ALA A 251 9.07 8.65 -13.16
N LEU A 252 8.02 8.85 -12.35
CA LEU A 252 6.94 7.86 -12.24
C LEU A 252 5.66 8.29 -12.91
N SER A 253 5.09 7.38 -13.67
CA SER A 253 3.72 7.53 -14.18
C SER A 253 2.94 6.24 -13.87
N LEU A 254 1.61 6.36 -13.86
CA LEU A 254 0.72 5.27 -13.50
C LEU A 254 -0.42 5.21 -14.49
N HIS A 255 -0.61 4.05 -15.12
CA HIS A 255 -1.56 3.87 -16.21
C HIS A 255 -2.38 2.61 -16.02
N THR A 256 -3.54 2.62 -16.65
CA THR A 256 -4.38 1.44 -16.75
C THR A 256 -5.06 1.47 -18.12
N MLY A 257 -6.00 0.56 -18.37
CA MLY A 257 -6.66 0.51 -19.68
CB MLY A 257 -6.11 -0.60 -20.58
CG MLY A 257 -4.65 -0.42 -20.96
CD MLY A 257 -4.12 -1.40 -22.00
CE MLY A 257 -2.63 -1.11 -22.25
NZ MLY A 257 -2.10 -1.91 -23.35
CH1 MLY A 257 -2.72 -3.18 -23.71
CH2 MLY A 257 -0.88 -1.45 -24.01
C MLY A 257 -8.12 0.27 -19.50
O MLY A 257 -8.55 -0.36 -18.53
N VAL A 258 -8.93 0.80 -20.41
CA VAL A 258 -10.37 0.58 -20.36
C VAL A 258 -10.71 -0.91 -20.43
N ALA A 259 -11.28 -1.44 -19.35
CA ALA A 259 -11.58 -2.85 -19.25
C ALA A 259 -13.01 -3.18 -19.65
N HIS A 260 -13.89 -2.20 -19.52
CA HIS A 260 -15.25 -2.30 -19.99
C HIS A 260 -15.72 -0.89 -20.32
N ILE A 261 -16.62 -0.82 -21.31
CA ILE A 261 -17.30 0.42 -21.63
C ILE A 261 -18.74 0.11 -22.02
N LYS A 262 -19.65 0.98 -21.61
CA LYS A 262 -21.06 0.75 -21.79
C LYS A 262 -21.78 2.08 -21.75
N GLN A 263 -22.95 2.12 -22.38
CA GLN A 263 -23.85 3.25 -22.23
C GLN A 263 -24.84 2.94 -21.12
N VAL A 264 -24.89 3.83 -20.14
CA VAL A 264 -25.75 3.66 -18.99
C VAL A 264 -26.90 4.65 -19.11
N ILE A 265 -28.13 4.15 -19.09
CA ILE A 265 -29.28 5.03 -19.30
C ILE A 265 -29.41 6.07 -18.20
N MLY A 266 -30.03 7.19 -18.54
CA MLY A 266 -30.26 8.28 -17.59
CB MLY A 266 -31.23 9.29 -18.24
CG MLY A 266 -31.55 10.45 -17.29
CD MLY A 266 -32.33 11.57 -18.00
CE MLY A 266 -32.75 12.65 -17.01
NZ MLY A 266 -33.36 13.78 -17.72
CH1 MLY A 266 -33.90 13.67 -19.07
CH2 MLY A 266 -33.45 15.06 -17.02
C MLY A 266 -30.81 7.82 -16.27
O MLY A 266 -31.82 7.11 -16.24
N GLY A 267 -30.16 8.23 -15.19
CA GLY A 267 -30.70 7.99 -13.85
C GLY A 267 -30.26 6.70 -13.16
N ASP A 268 -29.54 5.84 -13.87
CA ASP A 268 -29.06 4.58 -13.29
C ASP A 268 -27.85 4.85 -12.38
N GLY A 269 -27.68 3.98 -11.40
CA GLY A 269 -26.62 4.12 -10.40
C GLY A 269 -25.31 3.47 -10.79
N ILE A 270 -24.22 4.01 -10.23
CA ILE A 270 -22.87 3.43 -10.41
C ILE A 270 -22.21 3.18 -9.06
N SER A 271 -21.79 1.93 -8.85
CA SER A 271 -20.98 1.48 -7.73
C SER A 271 -21.68 1.41 -6.38
N TYR A 272 -20.92 1.07 -5.34
CA TYR A 272 -21.45 0.85 -4.00
C TYR A 272 -22.23 2.03 -3.46
N ASN A 273 -23.37 1.74 -2.85
CA ASN A 273 -24.21 2.75 -2.21
C ASN A 273 -24.75 3.83 -3.13
N VAL A 274 -24.69 3.58 -4.45
CA VAL A 274 -25.37 4.37 -5.46
C VAL A 274 -25.14 5.87 -5.23
N THR A 275 -23.85 6.22 -5.11
CA THR A 275 -23.47 7.61 -4.83
C THR A 275 -23.39 8.49 -6.07
N TYR A 276 -23.55 7.88 -7.23
CA TYR A 276 -23.55 8.56 -8.51
C TYR A 276 -24.68 7.97 -9.36
N ARG A 277 -25.41 8.85 -10.02
CA ARG A 277 -26.37 8.51 -11.07
C ARG A 277 -26.06 9.31 -12.32
N THR A 278 -26.24 8.67 -13.47
CA THR A 278 -26.00 9.33 -14.73
C THR A 278 -27.08 10.39 -14.91
N MLY A 279 -26.69 11.52 -15.51
CA MLY A 279 -27.59 12.66 -15.75
CB MLY A 279 -26.82 13.97 -15.67
CG MLY A 279 -26.40 14.27 -14.23
CD MLY A 279 -25.20 15.22 -14.16
CE MLY A 279 -25.56 16.60 -13.60
NZ MLY A 279 -25.43 16.58 -12.14
CH1 MLY A 279 -26.06 15.53 -11.35
CH2 MLY A 279 -24.69 17.65 -11.49
C MLY A 279 -28.29 12.55 -17.08
O MLY A 279 -29.38 13.11 -17.27
N THR A 280 -27.66 11.85 -18.01
CA THR A 280 -28.23 11.51 -19.31
C THR A 280 -27.76 10.09 -19.62
N GLU A 281 -28.02 9.60 -20.82
CA GLU A 281 -27.37 8.36 -21.23
C GLU A 281 -25.87 8.62 -21.37
N GLU A 282 -25.07 7.96 -20.54
CA GLU A 282 -23.66 8.26 -20.38
C GLU A 282 -22.76 7.07 -20.74
N TRP A 283 -21.63 7.37 -21.36
CA TRP A 283 -20.59 6.38 -21.56
C TRP A 283 -19.81 6.25 -20.25
N ILE A 284 -19.84 5.05 -19.69
CA ILE A 284 -19.16 4.73 -18.44
C ILE A 284 -18.11 3.65 -18.69
N ALA A 285 -16.85 4.00 -18.47
CA ALA A 285 -15.75 3.07 -18.59
C ALA A 285 -15.36 2.53 -17.22
N THR A 286 -14.84 1.30 -17.21
CA THR A 286 -14.28 0.72 -15.98
C THR A 286 -12.82 0.34 -16.21
N VAL A 287 -12.00 0.59 -15.20
CA VAL A 287 -10.57 0.25 -15.23
C VAL A 287 -10.21 -0.63 -14.03
N ALA A 288 -9.21 -1.48 -14.22
CA ALA A 288 -8.81 -2.45 -13.22
C ALA A 288 -7.71 -1.88 -12.34
N ILE A 289 -8.07 -0.85 -11.59
CA ILE A 289 -7.27 -0.41 -10.47
C ILE A 289 -8.22 0.10 -9.36
N GLY A 290 -7.86 -0.09 -8.10
CA GLY A 290 -8.70 0.39 -6.98
C GLY A 290 -7.90 0.63 -5.71
N TYR A 291 -8.59 0.72 -4.58
CA TYR A 291 -7.89 1.13 -3.37
C TYR A 291 -6.89 0.11 -2.86
N ALA A 292 -7.06 -1.19 -3.17
CA ALA A 292 -6.02 -2.16 -2.81
C ALA A 292 -4.70 -1.88 -3.54
N ASP A 293 -4.77 -1.11 -4.63
CA ASP A 293 -3.58 -0.67 -5.34
C ASP A 293 -2.99 0.63 -4.78
N GLY A 294 -3.67 1.22 -3.79
CA GLY A 294 -3.24 2.49 -3.23
C GLY A 294 -3.99 3.68 -3.80
N TRP A 295 -4.89 3.43 -4.77
CA TRP A 295 -5.67 4.48 -5.40
C TRP A 295 -6.98 4.61 -4.63
N LEU A 296 -7.00 5.52 -3.67
CA LEU A 296 -7.99 5.47 -2.59
C LEU A 296 -9.36 6.04 -2.92
N ARG A 297 -10.31 5.64 -2.09
CA ARG A 297 -11.68 6.09 -2.21
C ARG A 297 -11.84 7.60 -2.23
N ARG A 298 -10.97 8.32 -1.53
CA ARG A 298 -10.96 9.79 -1.54
C ARG A 298 -10.67 10.42 -2.92
N LEU A 299 -10.31 9.61 -3.91
CA LEU A 299 -10.08 10.11 -5.27
C LEU A 299 -11.35 10.09 -6.13
N GLN A 300 -12.48 9.64 -5.57
CA GLN A 300 -13.76 9.79 -6.27
C GLN A 300 -13.98 11.26 -6.68
N GLY A 301 -14.34 11.48 -7.94
CA GLY A 301 -14.51 12.83 -8.49
C GLY A 301 -13.26 13.46 -9.08
N PHE A 302 -12.10 12.84 -8.88
CA PHE A 302 -10.88 13.31 -9.46
C PHE A 302 -10.92 12.99 -10.94
N GLU A 303 -10.23 13.80 -11.76
CA GLU A 303 -10.23 13.61 -13.22
C GLU A 303 -8.93 12.98 -13.71
N VAL A 304 -9.07 11.82 -14.32
CA VAL A 304 -7.96 11.13 -14.96
C VAL A 304 -7.93 11.48 -16.46
N LEU A 305 -6.94 10.96 -17.20
CA LEU A 305 -6.78 11.29 -18.63
C LEU A 305 -7.16 10.14 -19.52
N VAL A 306 -8.00 10.42 -20.52
CA VAL A 306 -8.33 9.47 -21.57
C VAL A 306 -8.33 10.27 -22.88
N ASN A 307 -7.55 9.80 -23.85
CA ASN A 307 -7.37 10.51 -25.13
C ASN A 307 -6.96 11.97 -24.92
N GLY A 308 -6.13 12.20 -23.91
CA GLY A 308 -5.67 13.54 -23.56
C GLY A 308 -6.73 14.49 -23.02
N MLY A 309 -7.87 13.93 -22.64
CA MLY A 309 -8.98 14.68 -22.02
CB MLY A 309 -10.32 14.37 -22.72
CG MLY A 309 -10.28 14.51 -24.24
CD MLY A 309 -11.68 14.37 -24.82
CE MLY A 309 -11.67 14.09 -26.33
NZ MLY A 309 -13.04 14.03 -26.84
CH1 MLY A 309 -14.16 14.68 -26.18
CH2 MLY A 309 -13.30 13.31 -28.09
C MLY A 309 -9.18 14.31 -20.57
O MLY A 309 -9.06 13.13 -20.21
N ARG A 310 -9.45 15.31 -19.73
CA ARG A 310 -9.75 15.06 -18.33
C ARG A 310 -11.18 14.60 -18.14
N VAL A 311 -11.33 13.42 -17.52
CA VAL A 311 -12.62 12.78 -17.32
C VAL A 311 -12.76 12.28 -15.87
N PRO A 312 -13.93 12.49 -15.26
CA PRO A 312 -14.04 12.19 -13.83
C PRO A 312 -14.27 10.73 -13.46
N ILE A 313 -13.69 10.36 -12.32
CA ILE A 313 -14.00 9.12 -11.62
C ILE A 313 -15.38 9.29 -10.98
N VAL A 314 -16.29 8.38 -11.32
CA VAL A 314 -17.68 8.44 -10.86
C VAL A 314 -18.06 7.20 -10.05
N GLY A 315 -18.87 7.40 -9.01
CA GLY A 315 -19.20 6.35 -8.07
C GLY A 315 -18.04 6.00 -7.16
N ARG A 316 -18.34 5.21 -6.14
CA ARG A 316 -17.32 4.75 -5.22
C ARG A 316 -16.20 3.96 -5.92
N VAL A 317 -14.97 4.29 -5.55
CA VAL A 317 -13.82 3.49 -5.93
C VAL A 317 -13.95 2.15 -5.20
N THR A 318 -13.80 1.04 -5.92
CA THR A 318 -13.81 -0.28 -5.28
C THR A 318 -12.40 -0.79 -5.02
N MET A 319 -12.31 -1.99 -4.47
CA MET A 319 -11.01 -2.51 -4.06
C MET A 319 -10.06 -2.64 -5.25
N ASP A 320 -10.62 -3.04 -6.39
CA ASP A 320 -9.81 -3.40 -7.57
C ASP A 320 -10.20 -2.70 -8.87
N GLN A 321 -11.22 -1.84 -8.86
CA GLN A 321 -11.75 -1.23 -10.05
C GLN A 321 -12.33 0.15 -9.71
N PHE A 322 -12.37 1.02 -10.71
CA PHE A 322 -13.18 2.21 -10.64
C PHE A 322 -13.73 2.58 -11.99
N MET A 323 -14.70 3.49 -11.95
CA MET A 323 -15.47 3.85 -13.13
C MET A 323 -15.26 5.31 -13.48
N ILE A 324 -15.39 5.60 -14.77
N ILE A 324 -15.44 5.61 -14.75
CA ILE A 324 -15.08 6.91 -15.34
CA ILE A 324 -15.11 6.90 -15.31
C ILE A 324 -16.23 7.31 -16.27
C ILE A 324 -16.16 7.32 -16.34
N HIS A 325 -16.57 8.59 -16.30
CA HIS A 325 -17.56 9.09 -17.23
C HIS A 325 -16.88 9.75 -18.42
N LEU A 326 -17.02 9.14 -19.59
CA LEU A 326 -16.38 9.62 -20.81
C LEU A 326 -17.38 10.34 -21.69
N PRO A 327 -16.90 11.35 -22.46
CA PRO A 327 -17.81 12.01 -23.41
C PRO A 327 -18.24 11.13 -24.59
N CYS A 328 -17.37 10.22 -25.02
CA CYS A 328 -17.55 9.44 -26.24
C CYS A 328 -17.17 7.99 -25.98
N GLU A 329 -17.73 7.07 -26.77
CA GLU A 329 -17.26 5.70 -26.76
C GLU A 329 -15.79 5.68 -27.11
N VAL A 330 -15.06 4.78 -26.46
CA VAL A 330 -13.70 4.47 -26.85
C VAL A 330 -13.57 2.95 -26.87
N PRO A 331 -12.58 2.43 -27.61
CA PRO A 331 -12.35 1.00 -27.63
C PRO A 331 -11.89 0.44 -26.28
N LEU A 332 -12.26 -0.80 -26.03
CA LEU A 332 -11.65 -1.56 -24.95
C LEU A 332 -10.14 -1.51 -25.13
N GLY A 333 -9.40 -1.38 -24.03
CA GLY A 333 -7.93 -1.32 -24.06
C GLY A 333 -7.38 0.09 -24.18
N THR A 334 -8.26 1.09 -24.29
CA THR A 334 -7.85 2.49 -24.34
C THR A 334 -7.07 2.87 -23.08
N MLY A 335 -5.93 3.51 -23.29
CA MLY A 335 -5.06 3.92 -22.19
CB MLY A 335 -3.76 4.46 -22.77
CG MLY A 335 -2.69 4.67 -21.73
CD MLY A 335 -1.42 5.24 -22.37
CE MLY A 335 -0.26 5.17 -21.38
NZ MLY A 335 1.02 5.38 -22.07
CH1 MLY A 335 1.13 5.73 -23.49
CH2 MLY A 335 2.23 5.20 -21.28
C MLY A 335 -5.68 4.98 -21.33
O MLY A 335 -6.22 5.97 -21.85
N VAL A 336 -5.63 4.76 -20.03
CA VAL A 336 -6.11 5.72 -19.03
C VAL A 336 -4.93 6.09 -18.15
N THR A 337 -4.59 7.37 -18.08
CA THR A 337 -3.44 7.80 -17.31
C THR A 337 -3.90 8.52 -16.03
N LEU A 338 -3.35 8.03 -14.92
CA LEU A 338 -3.70 8.46 -13.58
C LEU A 338 -2.65 9.45 -13.05
N ILE A 339 -1.38 9.14 -13.29
CA ILE A 339 -0.29 10.07 -13.07
C ILE A 339 0.53 10.03 -14.34
N GLY A 340 0.74 11.20 -14.97
CA GLY A 340 1.54 11.26 -16.16
C GLY A 340 0.92 12.08 -17.26
N ARG A 341 1.47 11.91 -18.47
CA ARG A 341 1.08 12.71 -19.64
C ARG A 341 0.25 11.96 -20.69
N GLN A 342 -0.77 12.64 -21.21
CA GLN A 342 -1.42 12.26 -22.48
C GLN A 342 -1.57 13.52 -23.30
N GLY A 343 -0.95 13.54 -24.49
CA GLY A 343 -0.98 14.72 -25.33
C GLY A 343 -0.39 15.92 -24.62
N ASP A 344 -1.18 17.00 -24.55
CA ASP A 344 -0.75 18.25 -23.92
C ASP A 344 -1.20 18.36 -22.47
N GLU A 345 -1.79 17.30 -21.93
CA GLU A 345 -2.23 17.29 -20.55
C GLU A 345 -1.26 16.48 -19.69
N TYR A 346 -1.03 16.94 -18.46
CA TYR A 346 -0.16 16.25 -17.52
C TYR A 346 -0.84 16.26 -16.15
N ILE A 347 -0.96 15.07 -15.54
CA ILE A 347 -1.42 14.95 -14.17
C ILE A 347 -0.23 14.60 -13.30
N SER A 348 0.18 15.54 -12.45
CA SER A 348 1.29 15.29 -11.56
C SER A 348 0.84 14.55 -10.29
N ALA A 349 1.79 13.87 -9.66
CA ALA A 349 1.49 13.25 -8.36
C ALA A 349 1.04 14.31 -7.37
N THR A 350 1.56 15.53 -7.49
CA THR A 350 1.12 16.63 -6.64
C THR A 350 -0.35 16.99 -6.85
N GLU A 351 -0.82 16.97 -8.10
CA GLU A 351 -2.23 17.27 -8.36
C GLU A 351 -3.11 16.18 -7.72
N VAL A 352 -2.71 14.92 -7.89
CA VAL A 352 -3.40 13.84 -7.17
C VAL A 352 -3.39 14.07 -5.65
N ALA A 353 -2.23 14.43 -5.11
CA ALA A 353 -2.09 14.70 -3.67
C ALA A 353 -3.04 15.83 -3.23
N GLU A 354 -3.07 16.90 -4.01
CA GLU A 354 -3.88 18.07 -3.63
C GLU A 354 -5.35 17.71 -3.54
N TYR A 355 -5.85 17.00 -4.56
CA TYR A 355 -7.25 16.56 -4.53
C TYR A 355 -7.51 15.66 -3.29
N SER A 356 -6.51 14.86 -2.95
CA SER A 356 -6.57 13.87 -1.86
C SER A 356 -6.31 14.46 -0.48
N GLY A 357 -5.99 15.75 -0.41
CA GLY A 357 -5.68 16.36 0.86
C GLY A 357 -4.42 15.80 1.48
N THR A 358 -3.42 15.52 0.66
CA THR A 358 -2.14 15.01 1.14
C THR A 358 -0.98 15.58 0.34
N ILE A 359 0.17 14.88 0.36
CA ILE A 359 1.36 15.34 -0.34
C ILE A 359 1.81 14.28 -1.35
N ASN A 360 2.56 14.72 -2.36
CA ASN A 360 3.01 13.82 -3.42
C ASN A 360 3.74 12.59 -2.88
N TYR A 361 4.56 12.79 -1.84
CA TYR A 361 5.29 11.69 -1.22
C TYR A 361 4.36 10.51 -0.91
N GLU A 362 3.19 10.81 -0.37
CA GLU A 362 2.29 9.76 0.10
C GLU A 362 1.62 9.07 -1.09
N ILE A 363 1.27 9.83 -2.11
CA ILE A 363 0.63 9.27 -3.32
C ILE A 363 1.55 8.22 -3.98
N ILE A 364 2.79 8.61 -4.25
CA ILE A 364 3.69 7.70 -4.95
C ILE A 364 4.10 6.49 -4.12
N THR A 365 4.29 6.72 -2.83
N THR A 365 4.41 6.72 -2.84
CA THR A 365 4.92 5.73 -1.99
CA THR A 365 4.97 5.66 -1.99
C THR A 365 3.96 4.62 -1.58
C THR A 365 3.95 4.54 -1.73
N THR A 366 2.67 4.90 -1.69
CA THR A 366 1.60 3.94 -1.35
C THR A 366 1.02 3.20 -2.55
N ILE A 367 1.64 3.33 -3.73
CA ILE A 367 1.24 2.50 -4.87
C ILE A 367 1.68 1.07 -4.50
N SER A 368 0.70 0.19 -4.38
CA SER A 368 0.86 -1.16 -3.86
C SER A 368 1.91 -2.01 -4.53
N PHE A 369 2.47 -2.92 -3.75
CA PHE A 369 3.40 -3.91 -4.28
C PHE A 369 2.71 -4.82 -5.29
N ARG A 370 1.37 -4.88 -5.34
CA ARG A 370 0.77 -5.74 -6.34
C ARG A 370 0.73 -5.10 -7.76
N VAL A 371 1.17 -3.85 -7.90
CA VAL A 371 1.22 -3.22 -9.23
C VAL A 371 2.62 -3.39 -9.85
N PRO A 372 2.70 -3.94 -11.07
CA PRO A 372 4.00 -4.08 -11.70
C PRO A 372 4.62 -2.73 -12.03
N ARG A 373 5.96 -2.69 -12.00
CA ARG A 373 6.74 -1.55 -12.46
C ARG A 373 7.48 -1.92 -13.72
N ILE A 374 7.34 -1.08 -14.75
CA ILE A 374 8.09 -1.20 -16.01
C ILE A 374 9.17 -0.12 -16.03
N PHE A 375 10.43 -0.52 -16.21
CA PHE A 375 11.59 0.38 -16.15
C PHE A 375 12.06 0.70 -17.56
N ILE A 376 12.17 1.99 -17.84
CA ILE A 376 12.56 2.50 -19.16
C ILE A 376 13.94 3.15 -19.04
N ARG A 377 14.84 2.84 -19.97
CA ARG A 377 16.13 3.50 -20.08
C ARG A 377 16.34 3.78 -21.56
N ASN A 378 16.68 5.02 -21.89
CA ASN A 378 16.79 5.45 -23.29
C ASN A 378 15.50 5.14 -24.09
N GLY A 379 14.35 5.29 -23.44
CA GLY A 379 13.05 5.11 -24.11
C GLY A 379 12.60 3.67 -24.27
N MLY A 380 13.46 2.72 -23.88
CA MLY A 380 13.21 1.30 -24.09
CB MLY A 380 14.41 0.69 -24.82
CG MLY A 380 14.49 1.27 -26.23
CD MLY A 380 15.69 0.75 -27.01
CE MLY A 380 15.54 1.18 -28.47
NZ MLY A 380 16.59 0.57 -29.30
CH1 MLY A 380 17.99 0.59 -28.90
CH2 MLY A 380 16.21 -0.03 -30.56
C MLY A 380 12.99 0.57 -22.79
O MLY A 380 13.62 0.91 -21.79
N VAL A 381 12.12 -0.44 -22.82
CA VAL A 381 11.88 -1.24 -21.62
C VAL A 381 13.10 -2.10 -21.38
N VAL A 382 13.66 -1.99 -20.18
CA VAL A 382 14.85 -2.74 -19.80
C VAL A 382 14.59 -3.76 -18.70
N GLU A 383 13.49 -3.58 -17.96
CA GLU A 383 13.17 -4.49 -16.86
C GLU A 383 11.71 -4.33 -16.52
N VAL A 384 11.09 -5.43 -16.11
CA VAL A 384 9.76 -5.37 -15.50
C VAL A 384 9.83 -6.14 -14.19
N ILE A 385 9.41 -5.49 -13.10
CA ILE A 385 9.37 -6.12 -11.79
C ILE A 385 7.92 -6.23 -11.35
N ASN A 386 7.47 -7.47 -11.17
CA ASN A 386 6.14 -7.75 -10.68
C ASN A 386 6.31 -8.47 -9.35
N TYR A 387 6.23 -7.75 -8.25
CA TYR A 387 6.49 -8.37 -6.96
C TYR A 387 5.55 -9.55 -6.63
N LEU A 388 4.33 -9.58 -7.20
CA LEU A 388 3.47 -10.73 -6.97
C LEU A 388 4.11 -12.05 -7.47
N ASN A 389 4.94 -11.98 -8.49
CA ASN A 389 5.65 -13.17 -8.99
C ASN A 389 6.67 -13.71 -8.01
N ASP A 390 7.12 -12.85 -7.11
CA ASP A 390 8.21 -13.18 -6.20
C ASP A 390 7.72 -13.83 -4.90
N ILE A 391 6.46 -13.62 -4.54
CA ILE A 391 6.01 -14.02 -3.19
C ILE A 391 5.48 -15.45 -3.16
N ALA B 6 10.73 -14.75 6.68
CA ALA B 6 10.26 -14.99 8.08
C ALA B 6 11.10 -14.30 9.17
N PRO B 7 12.42 -14.10 8.98
CA PRO B 7 12.93 -13.10 9.90
C PRO B 7 12.41 -11.72 9.48
N PHE B 8 12.39 -10.82 10.44
CA PHE B 8 12.13 -9.42 10.18
C PHE B 8 12.87 -8.59 11.22
N TYR B 9 13.24 -7.38 10.86
CA TYR B 9 14.21 -6.60 11.62
C TYR B 9 13.73 -5.20 12.00
N ARG B 10 12.41 -4.99 11.99
CA ARG B 10 11.78 -3.81 12.56
C ARG B 10 10.63 -4.33 13.41
N ASP B 11 10.43 -3.76 14.59
CA ASP B 11 9.41 -4.25 15.51
C ASP B 11 8.03 -3.64 15.21
N THR B 12 7.57 -3.89 13.99
CA THR B 12 6.27 -3.46 13.50
C THR B 12 5.71 -4.64 12.74
N TRP B 13 4.50 -5.05 13.08
CA TRP B 13 3.92 -6.25 12.49
C TRP B 13 2.40 -6.33 12.55
N VAL B 14 1.86 -7.11 11.62
CA VAL B 14 0.47 -7.52 11.63
C VAL B 14 0.39 -8.92 12.26
N GLU B 15 -0.59 -9.13 13.13
CA GLU B 15 -0.93 -10.47 13.62
C GLU B 15 -2.27 -10.86 13.02
N VAL B 16 -2.25 -12.05 12.42
CA VAL B 16 -3.45 -12.64 11.86
C VAL B 16 -3.80 -13.89 12.69
N ASP B 17 -4.95 -13.87 13.33
CA ASP B 17 -5.42 -14.99 14.14
C ASP B 17 -6.18 -15.94 13.23
N LEU B 18 -5.54 -17.07 12.92
CA LEU B 18 -6.12 -18.04 12.00
C LEU B 18 -7.33 -18.75 12.59
N ASP B 19 -7.38 -18.86 13.91
CA ASP B 19 -8.55 -19.41 14.59
C ASP B 19 -9.76 -18.54 14.28
N ALA B 20 -9.59 -17.22 14.30
CA ALA B 20 -10.71 -16.31 14.06
C ALA B 20 -11.28 -16.54 12.66
N ILE B 21 -10.37 -16.62 11.67
CA ILE B 21 -10.81 -16.86 10.29
C ILE B 21 -11.51 -18.21 10.17
N TYR B 22 -10.90 -19.24 10.76
CA TYR B 22 -11.47 -20.58 10.78
C TYR B 22 -12.87 -20.53 11.37
N ASN B 23 -13.01 -19.85 12.50
CA ASN B 23 -14.31 -19.77 13.19
C ASN B 23 -15.34 -19.01 12.40
N ASN B 24 -14.94 -17.91 11.77
CA ASN B 24 -15.90 -17.17 10.94
C ASN B 24 -16.42 -18.00 9.77
N VAL B 25 -15.51 -18.68 9.08
CA VAL B 25 -15.90 -19.50 7.92
C VAL B 25 -16.78 -20.65 8.37
N THR B 26 -16.43 -21.26 9.50
CA THR B 26 -17.22 -22.34 10.08
C THR B 26 -18.63 -21.86 10.40
N HIS B 27 -18.73 -20.70 11.05
CA HIS B 27 -20.03 -20.14 11.42
C HIS B 27 -20.89 -19.78 10.21
N ILE B 28 -20.26 -19.28 9.16
CA ILE B 28 -21.00 -18.99 7.94
C ILE B 28 -21.49 -20.30 7.31
N MLY B 29 -20.60 -21.29 7.27
CA MLY B 29 -20.91 -22.61 6.69
CB MLY B 29 -19.69 -23.50 6.76
CG MLY B 29 -19.85 -24.88 6.13
CD MLY B 29 -18.54 -25.66 6.33
CE MLY B 29 -18.54 -27.04 5.67
NZ MLY B 29 -19.19 -28.01 6.54
CH1 MLY B 29 -19.66 -27.71 7.88
CH2 MLY B 29 -19.39 -29.36 6.02
C MLY B 29 -22.10 -23.23 7.39
O MLY B 29 -22.98 -23.80 6.74
N GLU B 30 -22.13 -23.13 8.71
CA GLU B 30 -23.23 -23.73 9.47
C GLU B 30 -24.51 -22.89 9.41
N PHE B 31 -24.39 -21.61 9.07
CA PHE B 31 -25.54 -20.71 8.95
C PHE B 31 -26.29 -20.90 7.62
N ILE B 32 -25.54 -21.08 6.54
CA ILE B 32 -26.12 -21.24 5.21
C ILE B 32 -26.58 -22.69 5.00
N PRO B 33 -27.38 -22.95 3.93
CA PRO B 33 -27.79 -24.33 3.64
C PRO B 33 -26.60 -25.25 3.33
N SER B 34 -26.75 -26.53 3.65
CA SER B 34 -25.65 -27.48 3.50
C SER B 34 -25.19 -27.71 2.06
N ASP B 35 -26.02 -27.35 1.08
CA ASP B 35 -25.68 -27.56 -0.33
C ASP B 35 -25.18 -26.28 -1.02
N VAL B 36 -24.76 -25.29 -0.22
CA VAL B 36 -24.27 -24.01 -0.74
C VAL B 36 -22.80 -23.92 -0.41
N GLU B 37 -21.98 -23.71 -1.43
CA GLU B 37 -20.53 -23.58 -1.28
C GLU B 37 -20.12 -22.16 -0.90
N ILE B 38 -18.95 -22.04 -0.29
CA ILE B 38 -18.34 -20.75 0.00
C ILE B 38 -17.09 -20.52 -0.85
N PHE B 39 -17.07 -19.40 -1.58
CA PHE B 39 -15.84 -18.82 -2.10
C PHE B 39 -15.21 -18.00 -0.97
N ALA B 40 -13.95 -18.27 -0.66
CA ALA B 40 -13.18 -17.39 0.22
C ALA B 40 -12.59 -16.32 -0.68
N VAL B 41 -12.98 -15.06 -0.46
CA VAL B 41 -12.53 -13.96 -1.30
C VAL B 41 -11.25 -13.39 -0.70
N VAL B 42 -10.15 -13.55 -1.45
CA VAL B 42 -8.80 -13.23 -0.98
C VAL B 42 -8.10 -12.20 -1.88
N LYS B 43 -8.91 -11.44 -2.62
CA LYS B 43 -8.39 -10.30 -3.38
C LYS B 43 -7.70 -9.31 -2.45
N GLY B 44 -6.79 -8.51 -3.00
CA GLY B 44 -6.14 -7.45 -2.24
C GLY B 44 -5.29 -8.00 -1.11
N ASN B 45 -4.47 -9.01 -1.44
CA ASN B 45 -3.62 -9.67 -0.45
C ASN B 45 -4.44 -10.19 0.72
N ALA B 46 -5.52 -10.88 0.38
CA ALA B 46 -6.51 -11.31 1.38
C ALA B 46 -6.88 -10.18 2.36
N TYR B 47 -7.33 -9.08 1.77
CA TYR B 47 -7.76 -7.91 2.53
C TYR B 47 -6.67 -7.54 3.56
N GLY B 48 -5.40 -7.61 3.14
CA GLY B 48 -4.26 -7.29 4.00
C GLY B 48 -3.81 -8.38 4.96
N HIS B 49 -4.47 -9.55 4.94
CA HIS B 49 -4.14 -10.66 5.86
C HIS B 49 -3.13 -11.67 5.27
N ASP B 50 -2.87 -11.54 3.95
CA ASP B 50 -1.98 -12.40 3.14
C ASP B 50 -2.71 -13.53 2.40
N TYR B 51 -2.56 -13.50 1.09
CA TYR B 51 -3.19 -14.45 0.19
C TYR B 51 -3.20 -15.90 0.67
N VAL B 52 -2.01 -16.46 0.93
CA VAL B 52 -1.90 -17.92 1.03
C VAL B 52 -2.39 -18.47 2.37
N PRO B 53 -1.91 -17.92 3.50
CA PRO B 53 -2.42 -18.50 4.74
C PRO B 53 -3.92 -18.40 4.89
N VAL B 54 -4.52 -17.31 4.40
CA VAL B 54 -5.96 -17.15 4.50
C VAL B 54 -6.67 -18.17 3.61
N ALA B 55 -6.20 -18.33 2.37
CA ALA B 55 -6.77 -19.36 1.49
C ALA B 55 -6.71 -20.75 2.15
N MLY B 56 -5.56 -21.09 2.71
CA MLY B 56 -5.37 -22.39 3.34
CB MLY B 56 -3.93 -22.51 3.84
CG MLY B 56 -2.93 -22.67 2.71
CD MLY B 56 -2.61 -24.15 2.45
CE MLY B 56 -1.42 -24.31 1.52
NZ MLY B 56 -1.33 -25.69 1.02
CH1 MLY B 56 -2.11 -26.79 1.58
CH2 MLY B 56 -0.44 -25.97 -0.09
C MLY B 56 -6.34 -22.63 4.47
O MLY B 56 -7.02 -23.66 4.51
N ILE B 57 -6.43 -21.69 5.41
CA ILE B 57 -7.30 -21.89 6.58
C ILE B 57 -8.78 -21.85 6.20
N ALA B 58 -9.17 -20.98 5.26
CA ALA B 58 -10.56 -20.93 4.83
C ALA B 58 -10.96 -22.28 4.21
N LEU B 59 -10.08 -22.87 3.43
CA LEU B 59 -10.40 -24.18 2.83
C LEU B 59 -10.51 -25.25 3.90
N GLU B 60 -9.61 -25.22 4.88
CA GLU B 60 -9.68 -26.14 6.01
C GLU B 60 -11.03 -26.03 6.73
N ALA B 61 -11.53 -24.81 6.89
CA ALA B 61 -12.78 -24.55 7.59
C ALA B 61 -14.03 -24.91 6.80
N GLY B 62 -13.89 -25.22 5.51
CA GLY B 62 -15.02 -25.67 4.72
C GLY B 62 -15.32 -24.86 3.48
N ALA B 63 -14.60 -23.75 3.26
CA ALA B 63 -14.72 -23.06 1.97
C ALA B 63 -14.24 -24.07 0.94
N THR B 64 -14.77 -24.01 -0.28
CA THR B 64 -14.33 -24.94 -1.33
C THR B 64 -13.68 -24.27 -2.54
N ARG B 65 -13.83 -22.95 -2.63
CA ARG B 65 -13.36 -22.20 -3.79
C ARG B 65 -12.74 -20.90 -3.31
N LEU B 66 -11.94 -20.30 -4.18
CA LEU B 66 -11.27 -19.04 -3.89
C LEU B 66 -11.63 -18.03 -4.96
N ALA B 67 -11.59 -16.75 -4.59
CA ALA B 67 -11.79 -15.68 -5.57
C ALA B 67 -10.74 -14.59 -5.37
N VAL B 68 -10.26 -14.05 -6.48
CA VAL B 68 -9.26 -12.98 -6.46
C VAL B 68 -9.68 -11.87 -7.43
N ALA B 69 -8.91 -10.78 -7.46
CA ALA B 69 -9.22 -9.64 -8.31
C ALA B 69 -8.68 -9.78 -9.73
N PHE B 70 -7.47 -10.31 -9.86
CA PHE B 70 -6.84 -10.42 -11.17
C PHE B 70 -5.90 -11.61 -11.20
N LEU B 71 -5.51 -12.03 -12.41
CA LEU B 71 -4.88 -13.34 -12.58
C LEU B 71 -3.59 -13.52 -11.79
N ASP B 72 -2.78 -12.47 -11.67
CA ASP B 72 -1.51 -12.62 -10.92
C ASP B 72 -1.75 -13.07 -9.48
N GLU B 73 -2.84 -12.60 -8.87
CA GLU B 73 -3.20 -13.02 -7.52
C GLU B 73 -3.51 -14.51 -7.47
N ALA B 74 -4.18 -15.02 -8.49
CA ALA B 74 -4.49 -16.44 -8.56
C ALA B 74 -3.20 -17.25 -8.67
N LEU B 75 -2.22 -16.75 -9.40
CA LEU B 75 -0.96 -17.47 -9.59
C LEU B 75 -0.16 -17.55 -8.31
N VAL B 76 -0.27 -16.54 -7.44
CA VAL B 76 0.34 -16.60 -6.12
C VAL B 76 -0.15 -17.86 -5.40
N LEU B 77 -1.46 -18.08 -5.44
CA LEU B 77 -2.09 -19.20 -4.77
C LEU B 77 -1.67 -20.53 -5.41
N ARG B 78 -1.69 -20.60 -6.74
CA ARG B 78 -1.29 -21.83 -7.45
C ARG B 78 0.16 -22.21 -7.16
N ARG B 79 1.05 -21.23 -7.15
CA ARG B 79 2.47 -21.50 -6.87
C ARG B 79 2.66 -22.03 -5.44
N ALA B 80 1.76 -21.65 -4.56
CA ALA B 80 1.83 -22.09 -3.17
C ALA B 80 1.25 -23.50 -2.99
N GLY B 81 0.75 -24.07 -4.08
CA GLY B 81 0.23 -25.44 -4.08
C GLY B 81 -1.25 -25.57 -3.76
N ILE B 82 -1.96 -24.44 -3.78
CA ILE B 82 -3.41 -24.46 -3.62
C ILE B 82 -4.01 -24.96 -4.92
N THR B 83 -4.89 -25.97 -4.81
CA THR B 83 -5.45 -26.63 -5.99
C THR B 83 -6.97 -26.43 -6.17
N ALA B 84 -7.62 -25.85 -5.16
CA ALA B 84 -9.04 -25.55 -5.22
C ALA B 84 -9.36 -24.60 -6.36
N PRO B 85 -10.61 -24.61 -6.84
CA PRO B 85 -10.98 -23.66 -7.88
C PRO B 85 -10.69 -22.20 -7.47
N ILE B 86 -10.24 -21.41 -8.45
CA ILE B 86 -10.01 -19.96 -8.25
C ILE B 86 -10.69 -19.21 -9.39
N LEU B 87 -11.49 -18.22 -9.04
CA LEU B 87 -12.16 -17.35 -10.01
C LEU B 87 -11.61 -15.95 -9.90
N VAL B 88 -11.23 -15.38 -11.03
CA VAL B 88 -10.91 -13.95 -11.11
C VAL B 88 -12.21 -13.17 -11.26
N LEU B 89 -12.50 -12.29 -10.30
CA LEU B 89 -13.76 -11.51 -10.23
C LEU B 89 -13.69 -10.24 -11.04
N GLY B 90 -12.48 -9.65 -11.09
CA GLY B 90 -12.27 -8.43 -11.85
C GLY B 90 -12.14 -8.72 -13.32
N PRO B 91 -12.05 -7.66 -14.15
CA PRO B 91 -11.88 -7.89 -15.58
C PRO B 91 -10.44 -8.35 -15.86
N SER B 92 -10.24 -9.04 -16.97
CA SER B 92 -8.92 -9.55 -17.39
C SER B 92 -8.73 -9.23 -18.87
N PRO B 93 -7.50 -8.90 -19.29
CA PRO B 93 -7.28 -8.69 -20.74
C PRO B 93 -7.31 -10.04 -21.47
N PRO B 94 -7.75 -10.06 -22.75
CA PRO B 94 -7.84 -11.31 -23.51
C PRO B 94 -6.52 -12.09 -23.60
N ARG B 95 -5.38 -11.39 -23.54
CA ARG B 95 -4.08 -12.05 -23.56
C ARG B 95 -3.87 -13.03 -22.42
N ASP B 96 -4.69 -12.92 -21.37
CA ASP B 96 -4.63 -13.85 -20.25
C ASP B 96 -5.17 -15.24 -20.56
N ILE B 97 -5.76 -15.44 -21.73
CA ILE B 97 -6.54 -16.67 -21.96
C ILE B 97 -5.72 -17.95 -21.73
N ASN B 98 -4.52 -18.02 -22.30
CA ASN B 98 -3.74 -19.26 -22.22
C ASN B 98 -3.14 -19.50 -20.83
N VAL B 99 -2.63 -18.45 -20.20
CA VAL B 99 -2.03 -18.59 -18.89
C VAL B 99 -3.08 -18.96 -17.84
N ALA B 100 -4.27 -18.37 -17.94
CA ALA B 100 -5.35 -18.74 -17.05
C ALA B 100 -5.65 -20.24 -17.22
N ALA B 101 -5.84 -20.67 -18.47
CA ALA B 101 -6.11 -22.07 -18.77
C ALA B 101 -5.02 -23.01 -18.23
N GLU B 102 -3.77 -22.64 -18.48
CA GLU B 102 -2.62 -23.45 -18.07
C GLU B 102 -2.54 -23.64 -16.56
N ASN B 103 -3.01 -22.64 -15.80
CA ASN B 103 -2.97 -22.67 -14.36
C ASN B 103 -4.31 -22.96 -13.72
N ASP B 104 -5.25 -23.48 -14.53
CA ASP B 104 -6.56 -23.88 -14.01
C ASP B 104 -7.27 -22.76 -13.25
N VAL B 105 -7.20 -21.55 -13.80
CA VAL B 105 -7.86 -20.39 -13.19
C VAL B 105 -9.03 -19.96 -14.08
N ALA B 106 -10.20 -19.79 -13.46
CA ALA B 106 -11.36 -19.28 -14.19
C ALA B 106 -11.34 -17.76 -14.21
N LEU B 107 -11.72 -17.20 -15.34
CA LEU B 107 -11.84 -15.76 -15.46
C LEU B 107 -13.30 -15.34 -15.59
N THR B 108 -13.62 -14.13 -15.13
N THR B 108 -13.58 -14.12 -15.18
CA THR B 108 -14.90 -13.47 -15.46
CA THR B 108 -14.85 -13.50 -15.47
C THR B 108 -14.82 -13.00 -16.92
C THR B 108 -14.79 -13.03 -16.94
N VAL B 109 -15.74 -13.49 -17.75
CA VAL B 109 -15.81 -13.14 -19.18
C VAL B 109 -17.24 -12.79 -19.52
N PHE B 110 -17.44 -11.66 -20.21
CA PHE B 110 -18.78 -11.13 -20.41
C PHE B 110 -18.90 -10.21 -21.63
N GLN B 111 -17.89 -10.19 -22.50
CA GLN B 111 -17.89 -9.30 -23.66
C GLN B 111 -17.63 -10.06 -24.95
N MLY B 112 -18.48 -9.87 -25.97
CA MLY B 112 -18.17 -10.40 -27.31
CB MLY B 112 -19.25 -10.02 -28.34
CG MLY B 112 -19.25 -8.55 -28.79
CD MLY B 112 -20.38 -8.29 -29.78
CE MLY B 112 -20.18 -6.96 -30.51
NZ MLY B 112 -21.43 -6.53 -31.14
CH1 MLY B 112 -21.81 -5.13 -31.09
CH2 MLY B 112 -22.29 -7.50 -31.84
C MLY B 112 -16.78 -10.00 -27.79
O MLY B 112 -16.07 -10.80 -28.42
N GLU B 113 -16.36 -8.78 -27.49
CA GLU B 113 -15.07 -8.29 -27.92
C GLU B 113 -13.91 -9.06 -27.29
N TRP B 114 -14.08 -9.44 -26.03
CA TRP B 114 -13.06 -10.22 -25.32
C TRP B 114 -12.91 -11.59 -25.99
N VAL B 115 -14.05 -12.25 -26.26
CA VAL B 115 -14.05 -13.53 -26.96
C VAL B 115 -13.40 -13.40 -28.34
N ASP B 116 -13.79 -12.37 -29.10
CA ASP B 116 -13.18 -12.14 -30.43
C ASP B 116 -11.65 -12.06 -30.34
N GLU B 117 -11.15 -11.36 -29.34
CA GLU B 117 -9.70 -11.19 -29.19
C GLU B 117 -9.06 -12.47 -28.67
N ALA B 118 -9.75 -13.16 -27.75
CA ALA B 118 -9.24 -14.41 -27.22
C ALA B 118 -9.04 -15.43 -28.34
N ILE B 119 -9.96 -15.43 -29.29
CA ILE B 119 -9.84 -16.33 -30.46
C ILE B 119 -8.52 -16.08 -31.20
N MLY B 120 -8.17 -14.82 -31.37
CA MLY B 120 -6.91 -14.45 -32.02
CB MLY B 120 -6.84 -12.92 -32.17
CG MLY B 120 -7.87 -12.35 -33.13
CD MLY B 120 -7.83 -10.82 -33.11
CE MLY B 120 -8.73 -10.20 -34.19
NZ MLY B 120 -8.68 -8.74 -34.08
CH1 MLY B 120 -7.45 -8.01 -33.81
CH2 MLY B 120 -9.92 -7.98 -34.24
C MLY B 120 -5.69 -14.90 -31.24
O MLY B 120 -4.66 -15.25 -31.84
N LEU B 121 -5.78 -14.90 -29.91
CA LEU B 121 -4.62 -15.11 -29.04
C LEU B 121 -4.49 -16.53 -28.50
N TRP B 122 -5.52 -17.34 -28.71
CA TRP B 122 -5.55 -18.71 -28.25
C TRP B 122 -4.38 -19.54 -28.82
N ASP B 123 -3.73 -20.30 -27.94
CA ASP B 123 -2.59 -21.13 -28.30
C ASP B 123 -2.98 -22.40 -29.02
N GLY B 124 -4.28 -22.67 -29.16
CA GLY B 124 -4.77 -23.74 -30.01
C GLY B 124 -4.98 -25.08 -29.32
N SER B 125 -4.68 -25.15 -28.03
CA SER B 125 -4.83 -26.40 -27.28
C SER B 125 -5.54 -26.23 -25.94
N SER B 126 -5.28 -25.11 -25.24
CA SER B 126 -5.80 -24.94 -23.89
C SER B 126 -7.32 -24.72 -23.86
N THR B 127 -7.93 -25.11 -22.74
N THR B 127 -7.95 -25.18 -22.78
CA THR B 127 -9.35 -24.86 -22.50
CA THR B 127 -9.33 -24.83 -22.48
C THR B 127 -9.47 -24.01 -21.22
C THR B 127 -9.31 -23.88 -21.30
N MET B 128 -10.18 -22.89 -21.30
CA MET B 128 -10.30 -21.98 -20.17
C MET B 128 -11.72 -21.94 -19.65
N MLY B 129 -11.84 -21.99 -18.32
CA MLY B 129 -13.15 -21.85 -17.66
CB MLY B 129 -13.20 -22.53 -16.30
CG MLY B 129 -12.75 -24.00 -16.30
CD MLY B 129 -13.71 -24.96 -16.97
CE MLY B 129 -13.26 -26.41 -16.69
NZ MLY B 129 -12.34 -26.92 -17.73
CH1 MLY B 129 -11.51 -26.07 -18.57
CH2 MLY B 129 -12.23 -28.37 -17.91
C MLY B 129 -13.46 -20.39 -17.45
O MLY B 129 -12.56 -19.58 -17.19
N TYR B 130 -14.73 -20.04 -17.56
CA TYR B 130 -15.12 -18.67 -17.26
C TYR B 130 -16.47 -18.63 -16.54
N HIS B 131 -16.69 -17.53 -15.81
CA HIS B 131 -18.00 -17.23 -15.27
C HIS B 131 -18.52 -15.98 -15.95
N ILE B 132 -19.82 -15.98 -16.27
CA ILE B 132 -20.49 -14.77 -16.75
C ILE B 132 -20.88 -13.91 -15.56
N ASN B 133 -20.49 -12.64 -15.65
CA ASN B 133 -20.95 -11.62 -14.70
C ASN B 133 -22.10 -10.87 -15.36
N PHE B 134 -23.25 -10.91 -14.70
CA PHE B 134 -24.37 -10.04 -15.03
C PHE B 134 -24.34 -8.83 -14.09
N ASP B 135 -24.42 -7.64 -14.69
CA ASP B 135 -24.50 -6.38 -13.93
C ASP B 135 -25.99 -6.10 -13.69
N SER B 136 -26.41 -6.30 -12.45
CA SER B 136 -27.81 -6.13 -12.08
C SER B 136 -28.03 -4.78 -11.40
N GLY B 137 -27.03 -3.89 -11.47
CA GLY B 137 -27.13 -2.58 -10.81
C GLY B 137 -25.89 -2.05 -10.08
N MET B 138 -24.84 -2.86 -10.01
CA MET B 138 -23.54 -2.40 -9.47
C MET B 138 -22.87 -1.41 -10.43
N GLY B 139 -23.11 -1.58 -11.73
CA GLY B 139 -22.60 -0.66 -12.74
C GLY B 139 -21.10 -0.74 -13.01
N ARG B 140 -20.48 -1.83 -12.57
CA ARG B 140 -19.03 -1.96 -12.59
C ARG B 140 -18.59 -2.74 -13.84
N ILE B 141 -18.67 -4.06 -13.78
CA ILE B 141 -18.57 -4.86 -15.00
C ILE B 141 -19.75 -5.81 -15.11
N GLY B 142 -19.87 -6.48 -16.25
CA GLY B 142 -20.93 -7.46 -16.45
C GLY B 142 -21.91 -7.06 -17.52
N ILE B 143 -22.56 -8.07 -18.08
CA ILE B 143 -23.63 -7.88 -19.07
C ILE B 143 -24.87 -7.26 -18.43
N ARG B 144 -25.45 -6.28 -19.12
CA ARG B 144 -26.65 -5.61 -18.63
C ARG B 144 -27.90 -5.94 -19.42
N GLU B 145 -27.77 -6.03 -20.74
CA GLU B 145 -28.93 -6.12 -21.65
C GLU B 145 -29.05 -7.45 -22.37
N ARG B 146 -30.28 -7.77 -22.78
CA ARG B 146 -30.60 -9.02 -23.48
C ARG B 146 -29.87 -9.15 -24.82
N MLY B 147 -29.92 -8.10 -25.64
CA MLY B 147 -29.25 -8.11 -26.95
CB MLY B 147 -29.65 -6.87 -27.75
CG MLY B 147 -29.10 -6.89 -29.17
CD MLY B 147 -29.54 -5.67 -29.99
CE MLY B 147 -28.53 -4.53 -29.87
NZ MLY B 147 -29.27 -3.27 -30.04
CH1 MLY B 147 -29.92 -2.98 -31.31
CH2 MLY B 147 -29.34 -2.31 -28.94
C MLY B 147 -27.74 -8.23 -26.80
O MLY B 147 -27.06 -8.84 -27.65
N GLU B 148 -27.21 -7.64 -25.73
CA GLU B 148 -25.80 -7.73 -25.39
C GLU B 148 -25.44 -9.19 -25.04
N LEU B 149 -26.30 -9.83 -24.26
CA LEU B 149 -26.10 -11.25 -23.93
C LEU B 149 -26.10 -12.10 -25.20
N MLY B 150 -27.06 -11.84 -26.09
CA MLY B 150 -27.14 -12.58 -27.35
CB MLY B 150 -28.38 -12.12 -28.11
CG MLY B 150 -28.70 -13.02 -29.29
CD MLY B 150 -30.10 -12.78 -29.85
CE MLY B 150 -30.47 -13.91 -30.82
NZ MLY B 150 -31.76 -13.64 -31.46
CH1 MLY B 150 -32.73 -12.72 -30.86
CH2 MLY B 150 -32.07 -14.31 -32.71
C MLY B 150 -25.89 -12.46 -28.20
O MLY B 150 -25.40 -13.45 -28.78
N GLY B 151 -25.33 -11.26 -28.28
CA GLY B 151 -24.11 -11.03 -29.04
C GLY B 151 -22.92 -11.75 -28.43
N PHE B 152 -22.90 -11.80 -27.08
CA PHE B 152 -21.86 -12.51 -26.36
C PHE B 152 -21.94 -14.02 -26.70
N LEU B 153 -23.13 -14.60 -26.62
CA LEU B 153 -23.30 -16.03 -26.92
C LEU B 153 -22.98 -16.35 -28.39
N MLY B 154 -23.32 -15.44 -29.30
CA MLY B 154 -22.93 -15.59 -30.72
CB MLY B 154 -23.46 -14.43 -31.57
CG MLY B 154 -23.26 -14.63 -33.07
CD MLY B 154 -23.56 -13.36 -33.83
CE MLY B 154 -23.35 -13.48 -35.35
NZ MLY B 154 -24.59 -13.87 -36.04
CH1 MLY B 154 -25.91 -13.81 -35.41
CH2 MLY B 154 -24.50 -14.34 -37.41
C MLY B 154 -21.45 -15.72 -30.85
O MLY B 154 -20.95 -16.65 -31.50
N SER B 155 -20.70 -14.84 -30.20
CA SER B 155 -19.24 -14.81 -30.35
C SER B 155 -18.63 -16.12 -29.83
N LEU B 156 -19.25 -16.71 -28.81
CA LEU B 156 -18.77 -17.97 -28.24
C LEU B 156 -18.79 -19.12 -29.24
N GLU B 157 -19.61 -19.02 -30.30
CA GLU B 157 -19.69 -20.10 -31.29
C GLU B 157 -18.34 -20.32 -31.97
N GLY B 158 -17.51 -19.28 -32.00
CA GLY B 158 -16.17 -19.37 -32.59
C GLY B 158 -15.06 -19.65 -31.61
N ALA B 159 -15.43 -19.92 -30.35
CA ALA B 159 -14.46 -20.12 -29.27
C ALA B 159 -14.84 -21.33 -28.44
N PRO B 160 -14.73 -22.52 -29.07
CA PRO B 160 -15.11 -23.78 -28.41
C PRO B 160 -14.20 -24.15 -27.22
N PHE B 161 -13.09 -23.43 -27.09
CA PHE B 161 -12.11 -23.62 -26.00
C PHE B 161 -12.46 -22.85 -24.71
N LEU B 162 -13.55 -22.07 -24.74
CA LEU B 162 -14.06 -21.39 -23.56
C LEU B 162 -15.22 -22.15 -22.97
N GLU B 163 -15.10 -22.51 -21.70
CA GLU B 163 -16.07 -23.38 -21.03
C GLU B 163 -16.75 -22.69 -19.88
N LEU B 164 -18.10 -22.63 -19.92
CA LEU B 164 -18.86 -21.98 -18.86
C LEU B 164 -18.79 -22.80 -17.58
N GLU B 165 -18.38 -22.15 -16.50
CA GLU B 165 -18.36 -22.77 -15.17
C GLU B 165 -19.45 -22.21 -14.24
N GLY B 166 -19.83 -20.94 -14.41
CA GLY B 166 -20.88 -20.36 -13.59
C GLY B 166 -21.31 -18.98 -14.01
N VAL B 167 -22.29 -18.46 -13.26
CA VAL B 167 -22.91 -17.18 -13.56
C VAL B 167 -23.14 -16.45 -12.25
N TYR B 168 -22.87 -15.15 -12.26
CA TYR B 168 -23.00 -14.38 -11.03
C TYR B 168 -23.36 -12.93 -11.25
N THR B 169 -23.77 -12.32 -10.14
CA THR B 169 -23.91 -10.86 -10.04
C THR B 169 -23.43 -10.43 -8.65
N HIS B 170 -23.43 -9.12 -8.44
CA HIS B 170 -22.92 -8.52 -7.21
C HIS B 170 -23.80 -7.37 -6.79
N PHE B 171 -24.06 -7.32 -5.49
CA PHE B 171 -24.94 -6.32 -4.90
C PHE B 171 -24.16 -5.09 -4.46
N ALA B 172 -24.73 -3.93 -4.77
CA ALA B 172 -24.13 -2.63 -4.49
C ALA B 172 -24.50 -2.07 -3.11
N THR B 173 -25.58 -2.58 -2.53
CA THR B 173 -26.17 -1.94 -1.33
C THR B 173 -26.62 -2.93 -0.25
N ALA B 174 -26.05 -4.13 -0.24
CA ALA B 174 -26.45 -5.17 0.73
C ALA B 174 -26.11 -4.80 2.18
N ASP B 175 -25.24 -3.78 2.36
CA ASP B 175 -24.84 -3.30 3.69
C ASP B 175 -25.69 -2.10 4.18
N GLU B 176 -26.71 -1.74 3.41
CA GLU B 176 -27.64 -0.67 3.80
C GLU B 176 -28.85 -1.27 4.48
N VAL B 177 -29.34 -0.61 5.52
CA VAL B 177 -30.52 -1.09 6.26
C VAL B 177 -31.73 -1.29 5.35
N GLU B 178 -32.11 -0.25 4.62
CA GLU B 178 -33.20 -0.31 3.66
C GLU B 178 -32.76 -1.07 2.41
N THR B 179 -33.72 -1.76 1.82
CA THR B 179 -33.48 -2.88 0.91
C THR B 179 -33.99 -2.65 -0.53
N SER B 180 -34.54 -1.48 -0.83
N SER B 180 -34.53 -1.47 -0.83
CA SER B 180 -35.14 -1.24 -2.16
CA SER B 180 -35.13 -1.22 -2.14
C SER B 180 -34.18 -1.54 -3.31
C SER B 180 -34.18 -1.55 -3.29
N TYR B 181 -32.97 -1.01 -3.24
CA TYR B 181 -32.01 -1.20 -4.34
C TYR B 181 -31.59 -2.67 -4.41
N PHE B 182 -31.40 -3.30 -3.26
CA PHE B 182 -31.08 -4.73 -3.23
C PHE B 182 -32.21 -5.53 -3.93
N ASP B 183 -33.45 -5.24 -3.57
CA ASP B 183 -34.58 -5.97 -4.13
C ASP B 183 -34.65 -5.77 -5.62
N MLY B 184 -34.37 -4.54 -6.06
CA MLY B 184 -34.32 -4.20 -7.48
CB MLY B 184 -34.06 -2.70 -7.59
CG MLY B 184 -34.00 -2.16 -9.01
CD MLY B 184 -33.76 -0.66 -8.96
CE MLY B 184 -33.91 0.00 -10.33
NZ MLY B 184 -32.70 -0.21 -11.12
CH1 MLY B 184 -31.43 -0.60 -10.52
CH2 MLY B 184 -32.76 0.00 -12.55
C MLY B 184 -33.27 -5.00 -8.21
O MLY B 184 -33.52 -5.52 -9.30
N GLN B 185 -32.09 -5.14 -7.62
CA GLN B 185 -31.02 -5.93 -8.24
C GLN B 185 -31.41 -7.39 -8.33
N TYR B 186 -31.94 -7.91 -7.23
CA TYR B 186 -32.42 -9.29 -7.20
C TYR B 186 -33.41 -9.57 -8.33
N ASN B 187 -34.41 -8.72 -8.48
CA ASN B 187 -35.42 -8.92 -9.53
C ASN B 187 -34.81 -8.80 -10.93
N THR B 188 -33.87 -7.88 -11.10
CA THR B 188 -33.17 -7.71 -12.35
C THR B 188 -32.35 -8.95 -12.66
N PHE B 189 -31.69 -9.50 -11.64
CA PHE B 189 -30.85 -10.69 -11.85
C PHE B 189 -31.69 -11.90 -12.27
N LEU B 190 -32.85 -12.09 -11.63
CA LEU B 190 -33.74 -13.19 -12.00
C LEU B 190 -34.14 -13.04 -13.46
N GLU B 191 -34.37 -11.81 -13.91
CA GLU B 191 -34.68 -11.54 -15.31
C GLU B 191 -33.51 -11.91 -16.23
N GLN B 192 -32.30 -11.58 -15.81
CA GLN B 192 -31.13 -11.90 -16.60
C GLN B 192 -30.91 -13.42 -16.70
N LEU B 193 -31.12 -14.13 -15.59
CA LEU B 193 -31.08 -15.60 -15.62
C LEU B 193 -32.12 -16.15 -16.58
N SER B 194 -33.29 -15.52 -16.59
CA SER B 194 -34.38 -15.94 -17.50
C SER B 194 -33.95 -15.80 -18.95
N TRP B 195 -33.20 -14.76 -19.27
CA TRP B 195 -32.69 -14.56 -20.63
C TRP B 195 -31.74 -15.70 -21.03
N LEU B 196 -30.79 -16.00 -20.13
CA LEU B 196 -29.85 -17.09 -20.36
C LEU B 196 -30.61 -18.39 -20.64
N MLY B 197 -31.59 -18.68 -19.80
CA MLY B 197 -32.37 -19.91 -19.93
CB MLY B 197 -33.16 -20.20 -18.65
CG MLY B 197 -32.20 -20.55 -17.51
CD MLY B 197 -32.84 -20.44 -16.13
CE MLY B 197 -31.78 -20.31 -15.03
NZ MLY B 197 -32.43 -20.25 -13.72
CH1 MLY B 197 -33.89 -20.22 -13.58
CH2 MLY B 197 -31.59 -20.21 -12.51
C MLY B 197 -33.20 -19.88 -21.19
O MLY B 197 -33.30 -20.90 -21.88
N GLU B 198 -33.77 -18.72 -21.51
CA GLU B 198 -34.43 -18.48 -22.81
C GLU B 198 -33.53 -18.81 -24.01
N PHE B 199 -32.26 -18.40 -23.95
CA PHE B 199 -31.30 -18.66 -25.02
C PHE B 199 -30.73 -20.10 -24.95
N GLY B 200 -31.27 -20.93 -24.07
CA GLY B 200 -30.92 -22.36 -24.07
C GLY B 200 -29.69 -22.74 -23.27
N VAL B 201 -29.23 -21.82 -22.43
CA VAL B 201 -28.00 -22.02 -21.67
C VAL B 201 -28.27 -22.20 -20.19
N ASP B 202 -27.87 -23.36 -19.66
CA ASP B 202 -27.94 -23.62 -18.23
C ASP B 202 -26.82 -22.82 -17.54
N PRO B 203 -27.17 -22.03 -16.50
CA PRO B 203 -26.11 -21.25 -15.82
C PRO B 203 -25.16 -22.10 -14.98
N MLY B 204 -25.53 -23.35 -14.72
CA MLY B 204 -24.70 -24.39 -14.08
CB MLY B 204 -23.33 -24.56 -14.72
CG MLY B 204 -23.41 -25.01 -16.17
CD MLY B 204 -22.08 -25.56 -16.66
CE MLY B 204 -22.05 -25.43 -18.18
NZ MLY B 204 -20.87 -26.06 -18.78
CH1 MLY B 204 -19.93 -26.88 -18.03
CH2 MLY B 204 -20.65 -25.88 -20.21
C MLY B 204 -24.46 -24.21 -12.59
O MLY B 204 -24.65 -25.14 -11.80
N PHE B 205 -24.03 -23.01 -12.22
CA PHE B 205 -23.52 -22.75 -10.88
C PHE B 205 -23.66 -21.25 -10.65
N VAL B 206 -24.66 -20.88 -9.85
CA VAL B 206 -25.07 -19.48 -9.67
C VAL B 206 -24.68 -18.98 -8.29
N HIS B 207 -24.10 -17.77 -8.26
CA HIS B 207 -23.70 -17.14 -7.00
C HIS B 207 -23.93 -15.63 -7.07
N THR B 208 -24.40 -15.05 -5.97
CA THR B 208 -24.67 -13.62 -5.93
C THR B 208 -24.23 -12.89 -4.66
N ALA B 209 -24.17 -13.61 -3.55
CA ALA B 209 -24.14 -12.98 -2.21
C ALA B 209 -22.73 -12.72 -1.72
N ASN B 210 -22.46 -11.47 -1.34
CA ASN B 210 -21.28 -11.12 -0.56
C ASN B 210 -21.58 -11.33 0.93
N SER B 211 -20.69 -10.87 1.78
CA SER B 211 -20.85 -11.05 3.23
C SER B 211 -22.21 -10.55 3.74
N ALA B 212 -22.54 -9.30 3.40
CA ALA B 212 -23.75 -8.66 3.91
C ALA B 212 -25.02 -9.38 3.43
N ALA B 213 -25.09 -9.70 2.13
CA ALA B 213 -26.24 -10.38 1.59
C ALA B 213 -26.42 -11.77 2.21
N THR B 214 -25.32 -12.52 2.33
N THR B 214 -25.32 -12.48 2.34
CA THR B 214 -25.36 -13.88 2.88
CA THR B 214 -25.31 -13.83 2.87
C THR B 214 -25.88 -13.89 4.32
C THR B 214 -25.85 -13.89 4.30
N LEU B 215 -25.43 -12.93 5.13
CA LEU B 215 -25.76 -12.91 6.56
C LEU B 215 -27.16 -12.35 6.82
N ARG B 216 -27.75 -11.69 5.84
CA ARG B 216 -29.02 -10.98 6.03
C ARG B 216 -30.26 -11.60 5.35
N PHE B 217 -30.10 -12.09 4.13
CA PHE B 217 -31.25 -12.29 3.26
C PHE B 217 -31.53 -13.73 2.88
N GLN B 218 -32.82 -14.03 2.74
CA GLN B 218 -33.29 -15.33 2.25
C GLN B 218 -33.32 -15.33 0.72
N GLY B 219 -33.15 -16.52 0.15
CA GLY B 219 -33.37 -16.72 -1.27
C GLY B 219 -32.28 -16.24 -2.19
N ILE B 220 -31.12 -15.86 -1.63
CA ILE B 220 -30.01 -15.38 -2.48
C ILE B 220 -28.74 -16.24 -2.36
N THR B 221 -28.81 -17.37 -1.66
CA THR B 221 -27.64 -18.26 -1.58
C THR B 221 -27.38 -19.00 -2.88
N PHE B 222 -28.43 -19.33 -3.64
CA PHE B 222 -28.25 -20.09 -4.88
C PHE B 222 -27.29 -21.29 -4.66
N ASN B 223 -26.22 -21.43 -5.46
CA ASN B 223 -25.29 -22.57 -5.31
C ASN B 223 -24.04 -22.25 -4.49
N ALA B 224 -23.77 -20.95 -4.31
CA ALA B 224 -22.57 -20.54 -3.58
C ALA B 224 -22.64 -19.06 -3.22
N VAL B 225 -21.87 -18.69 -2.18
CA VAL B 225 -21.77 -17.31 -1.70
C VAL B 225 -20.31 -16.90 -1.72
N ARG B 226 -20.06 -15.60 -1.82
CA ARG B 226 -18.70 -15.08 -1.95
C ARG B 226 -18.38 -14.21 -0.76
N ILE B 227 -17.58 -14.74 0.17
CA ILE B 227 -17.34 -14.08 1.44
C ILE B 227 -15.98 -13.44 1.53
N GLY B 228 -15.97 -12.12 1.71
CA GLY B 228 -14.75 -11.38 2.03
C GLY B 228 -14.75 -10.93 3.47
N ILE B 229 -15.26 -9.72 3.70
CA ILE B 229 -15.07 -9.04 4.98
C ILE B 229 -15.46 -9.87 6.22
N ALA B 230 -16.56 -10.63 6.13
CA ALA B 230 -17.02 -11.39 7.30
C ALA B 230 -16.06 -12.53 7.64
N MET B 231 -15.36 -13.06 6.63
CA MET B 231 -14.35 -14.08 6.86
C MET B 231 -13.19 -13.54 7.74
N TYR B 232 -12.87 -12.26 7.50
CA TYR B 232 -11.86 -11.54 8.27
C TYR B 232 -12.40 -11.01 9.60
N GLY B 233 -13.68 -11.25 9.88
CA GLY B 233 -14.26 -10.98 11.20
C GLY B 233 -14.80 -9.57 11.38
N LEU B 234 -15.07 -8.87 10.30
CA LEU B 234 -15.48 -7.47 10.39
C LEU B 234 -16.84 -7.28 9.75
N SER B 235 -17.64 -6.34 10.29
CA SER B 235 -18.97 -6.11 9.72
C SER B 235 -18.86 -5.32 8.43
N PRO B 236 -19.62 -5.73 7.40
CA PRO B 236 -19.66 -4.95 6.15
C PRO B 236 -19.99 -3.47 6.35
N SER B 237 -20.78 -3.17 7.37
CA SER B 237 -21.09 -1.77 7.74
C SER B 237 -21.52 -1.70 9.20
N VAL B 238 -21.41 -0.51 9.78
CA VAL B 238 -21.87 -0.29 11.15
C VAL B 238 -23.40 -0.46 11.22
N GLU B 239 -24.11 0.06 10.22
CA GLU B 239 -25.57 0.05 10.26
C GLU B 239 -26.19 -1.35 10.27
N ILE B 240 -25.55 -2.36 9.66
CA ILE B 240 -26.12 -3.72 9.69
C ILE B 240 -25.55 -4.57 10.82
N ARG B 241 -24.58 -4.04 11.56
CA ARG B 241 -23.90 -4.80 12.60
C ARG B 241 -24.87 -5.41 13.65
N PRO B 242 -25.88 -4.64 14.10
CA PRO B 242 -26.89 -5.25 14.99
C PRO B 242 -27.77 -6.35 14.37
N PHE B 243 -27.81 -6.44 13.04
CA PHE B 243 -28.65 -7.41 12.33
C PHE B 243 -27.93 -8.75 12.07
N LEU B 244 -26.64 -8.81 12.39
CA LEU B 244 -25.84 -10.00 12.09
C LEU B 244 -26.26 -11.20 12.95
N PRO B 245 -26.38 -12.39 12.34
CA PRO B 245 -26.90 -13.57 13.04
C PRO B 245 -25.98 -14.16 14.10
N PHE B 246 -24.68 -13.89 14.01
CA PHE B 246 -23.73 -14.31 15.02
C PHE B 246 -22.54 -13.34 15.12
N MLY B 247 -21.76 -13.47 16.20
CA MLY B 247 -20.62 -12.60 16.47
CB MLY B 247 -20.22 -12.79 17.93
CG MLY B 247 -19.03 -11.95 18.38
CD MLY B 247 -18.78 -12.12 19.88
CE MLY B 247 -17.89 -13.33 20.18
NZ MLY B 247 -17.91 -13.58 21.62
CH1 MLY B 247 -17.89 -12.48 22.58
CH2 MLY B 247 -17.94 -14.95 22.13
C MLY B 247 -19.47 -12.91 15.55
O MLY B 247 -19.02 -14.05 15.50
N LEU B 248 -19.00 -11.90 14.83
CA LEU B 248 -17.82 -12.02 13.98
C LEU B 248 -16.57 -11.83 14.84
N GLU B 249 -15.51 -12.60 14.53
CA GLU B 249 -14.27 -12.61 15.31
C GLU B 249 -13.17 -11.95 14.49
N PRO B 250 -12.80 -10.70 14.82
CA PRO B 250 -11.77 -10.00 14.05
C PRO B 250 -10.46 -10.77 14.02
N ALA B 251 -9.86 -10.88 12.83
CA ALA B 251 -8.66 -11.71 12.65
C ALA B 251 -7.36 -10.88 12.69
N LEU B 252 -7.46 -9.58 12.37
CA LEU B 252 -6.25 -8.78 12.12
C LEU B 252 -6.02 -7.73 13.19
N SER B 253 -4.77 -7.62 13.62
CA SER B 253 -4.32 -6.54 14.49
C SER B 253 -2.99 -6.04 13.95
N LEU B 254 -2.63 -4.82 14.36
CA LEU B 254 -1.45 -4.14 13.84
C LEU B 254 -0.75 -3.50 15.03
N HIS B 255 0.53 -3.84 15.19
CA HIS B 255 1.33 -3.43 16.35
C HIS B 255 2.70 -2.90 15.98
N THR B 256 3.25 -2.11 16.90
CA THR B 256 4.61 -1.64 16.80
C THR B 256 5.15 -1.50 18.23
N MLY B 257 6.36 -0.97 18.35
CA MLY B 257 6.98 -0.82 19.69
CB MLY B 257 8.04 -1.89 19.93
CG MLY B 257 7.44 -3.29 20.11
CD MLY B 257 8.47 -4.33 20.49
CE MLY B 257 7.75 -5.67 20.45
NZ MLY B 257 8.62 -6.75 20.89
CH1 MLY B 257 10.07 -6.66 20.91
CH2 MLY B 257 7.97 -7.99 21.28
C MLY B 257 7.57 0.54 19.80
O MLY B 257 8.00 1.12 18.79
N VAL B 258 7.63 1.06 21.03
CA VAL B 258 8.24 2.36 21.27
C VAL B 258 9.71 2.29 20.93
N ALA B 259 10.11 3.09 19.94
CA ALA B 259 11.47 3.09 19.43
C ALA B 259 12.32 4.23 19.99
N HIS B 260 11.65 5.30 20.37
CA HIS B 260 12.28 6.37 21.13
C HIS B 260 11.27 6.99 22.10
N ILE B 261 11.79 7.50 23.22
CA ILE B 261 10.98 8.18 24.22
C ILE B 261 11.84 9.33 24.77
N LYS B 262 11.24 10.50 24.88
CA LYS B 262 11.96 11.68 25.34
C LYS B 262 10.99 12.64 25.99
N GLN B 263 11.53 13.47 26.88
CA GLN B 263 10.77 14.54 27.49
C GLN B 263 11.16 15.82 26.78
N VAL B 264 10.18 16.46 26.15
CA VAL B 264 10.39 17.60 25.24
C VAL B 264 9.93 18.85 25.96
N ILE B 265 10.78 19.86 26.02
CA ILE B 265 10.43 21.05 26.78
C ILE B 265 9.23 21.79 26.19
N MLY B 266 8.61 22.59 27.04
CA MLY B 266 7.47 23.37 26.64
CB MLY B 266 7.11 24.29 27.82
CG MLY B 266 5.97 25.23 27.51
CD MLY B 266 5.70 26.08 28.74
CE MLY B 266 4.57 27.09 28.49
NZ MLY B 266 4.87 28.23 29.34
CH1 MLY B 266 4.78 28.10 30.79
CH2 MLY B 266 5.26 29.50 28.73
C MLY B 266 7.73 24.21 25.42
O MLY B 266 8.71 24.96 25.35
N GLY B 267 6.84 24.09 24.43
CA GLY B 267 6.86 24.98 23.27
C GLY B 267 7.60 24.44 22.07
N ASP B 268 8.29 23.30 22.22
CA ASP B 268 9.07 22.76 21.11
C ASP B 268 8.19 22.03 20.08
N GLY B 269 8.62 22.02 18.82
CA GLY B 269 7.92 21.45 17.69
C GLY B 269 8.15 19.97 17.47
N ILE B 270 7.12 19.32 16.95
CA ILE B 270 7.18 17.90 16.58
C ILE B 270 6.82 17.72 15.12
N SER B 271 7.78 17.18 14.36
CA SER B 271 7.60 16.72 12.98
C SER B 271 7.49 17.84 11.91
N TYR B 272 7.24 17.44 10.66
CA TYR B 272 7.32 18.36 9.53
C TYR B 272 6.36 19.53 9.72
N ASN B 273 6.84 20.72 9.35
CA ASN B 273 6.06 21.96 9.38
C ASN B 273 5.56 22.35 10.77
N VAL B 274 6.13 21.73 11.80
CA VAL B 274 5.90 22.15 13.17
C VAL B 274 4.39 22.36 13.42
N THR B 275 3.59 21.36 13.07
CA THR B 275 2.16 21.45 13.22
C THR B 275 1.67 21.17 14.63
N TYR B 276 2.58 20.66 15.47
CA TYR B 276 2.32 20.39 16.89
C TYR B 276 3.46 20.99 17.68
N ARG B 277 3.12 21.65 18.77
CA ARG B 277 4.09 22.11 19.76
C ARG B 277 3.60 21.65 21.13
N THR B 278 4.55 21.29 21.98
CA THR B 278 4.23 20.80 23.33
C THR B 278 3.71 21.91 24.23
N MLY B 279 2.74 21.59 25.07
CA MLY B 279 2.08 22.56 25.96
CB MLY B 279 0.70 22.03 26.33
CG MLY B 279 -0.18 21.77 25.11
CD MLY B 279 -1.60 21.33 25.48
CE MLY B 279 -2.29 20.72 24.26
NZ MLY B 279 -3.61 20.19 24.62
CH1 MLY B 279 -3.84 19.47 25.87
CH2 MLY B 279 -4.72 20.36 23.71
C MLY B 279 2.82 22.77 27.26
O MLY B 279 2.75 23.84 27.89
N THR B 280 3.51 21.71 27.68
CA THR B 280 4.31 21.68 28.89
C THR B 280 5.46 20.75 28.53
N GLU B 281 6.27 20.40 29.52
CA GLU B 281 7.25 19.35 29.29
C GLU B 281 6.48 18.05 29.09
N GLU B 282 6.55 17.50 27.89
CA GLU B 282 5.74 16.35 27.52
C GLU B 282 6.58 15.17 27.15
N TRP B 283 6.04 13.98 27.46
CA TRP B 283 6.63 12.72 27.02
C TRP B 283 6.17 12.43 25.60
N ILE B 284 7.13 12.33 24.68
CA ILE B 284 6.85 12.05 23.28
C ILE B 284 7.56 10.76 22.89
N ALA B 285 6.77 9.80 22.42
CA ALA B 285 7.27 8.53 21.93
C ALA B 285 7.26 8.54 20.41
N THR B 286 8.19 7.77 19.83
CA THR B 286 8.23 7.56 18.39
C THR B 286 8.15 6.07 18.08
N VAL B 287 7.40 5.72 17.03
CA VAL B 287 7.29 4.33 16.59
C VAL B 287 7.67 4.22 15.12
N ALA B 288 8.18 3.03 14.75
CA ALA B 288 8.67 2.78 13.40
C ALA B 288 7.57 2.24 12.50
N ILE B 289 6.59 3.07 12.24
CA ILE B 289 5.59 2.85 11.20
C ILE B 289 5.12 4.22 10.69
N GLY B 290 4.87 4.29 9.39
CA GLY B 290 4.37 5.53 8.78
C GLY B 290 3.56 5.31 7.52
N TYR B 291 3.41 6.36 6.71
CA TYR B 291 2.50 6.25 5.57
C TYR B 291 2.96 5.28 4.48
N ALA B 292 4.27 5.00 4.38
CA ALA B 292 4.74 3.95 3.47
C ALA B 292 4.24 2.56 3.87
N ASP B 293 3.86 2.42 5.14
CA ASP B 293 3.24 1.19 5.62
C ASP B 293 1.72 1.15 5.41
N GLY B 294 1.15 2.25 4.90
CA GLY B 294 -0.28 2.38 4.71
C GLY B 294 -0.96 3.12 5.84
N TRP B 295 -0.18 3.58 6.83
CA TRP B 295 -0.72 4.31 7.97
C TRP B 295 -0.63 5.79 7.66
N LEU B 296 -1.71 6.37 7.15
CA LEU B 296 -1.63 7.61 6.39
C LEU B 296 -1.58 8.88 7.23
N ARG B 297 -1.17 9.96 6.57
CA ARG B 297 -1.07 11.27 7.20
C ARG B 297 -2.39 11.72 7.81
N ARG B 298 -3.49 11.31 7.20
CA ARG B 298 -4.82 11.67 7.74
C ARG B 298 -5.13 11.06 9.13
N LEU B 299 -4.29 10.15 9.65
CA LEU B 299 -4.45 9.63 11.01
C LEU B 299 -3.75 10.47 12.09
N GLN B 300 -3.12 11.59 11.72
CA GLN B 300 -2.67 12.56 12.74
C GLN B 300 -3.83 12.90 13.66
N GLY B 301 -3.57 12.81 14.97
CA GLY B 301 -4.57 13.10 15.98
C GLY B 301 -5.41 11.91 16.38
N PHE B 302 -5.33 10.82 15.62
CA PHE B 302 -5.97 9.56 16.05
C PHE B 302 -5.26 9.02 17.31
N GLU B 303 -6.00 8.27 18.14
CA GLU B 303 -5.44 7.75 19.38
C GLU B 303 -5.15 6.27 19.23
N VAL B 304 -3.89 5.89 19.47
CA VAL B 304 -3.44 4.49 19.49
C VAL B 304 -3.32 4.01 20.95
N LEU B 305 -3.01 2.74 21.14
CA LEU B 305 -2.99 2.14 22.48
C LEU B 305 -1.56 1.93 22.98
N VAL B 306 -1.26 2.45 24.16
CA VAL B 306 0.03 2.24 24.81
C VAL B 306 -0.25 1.96 26.27
N ASN B 307 0.19 0.80 26.75
CA ASN B 307 -0.08 0.35 28.11
C ASN B 307 -1.56 0.44 28.46
N GLY B 308 -2.39 0.01 27.51
CA GLY B 308 -3.83 -0.07 27.67
C GLY B 308 -4.50 1.28 27.77
N MLY B 309 -3.86 2.32 27.26
CA MLY B 309 -4.45 3.64 27.27
CB MLY B 309 -3.76 4.59 28.26
CG MLY B 309 -4.54 5.91 28.24
CD MLY B 309 -4.28 6.85 29.40
CE MLY B 309 -4.78 8.26 29.04
NZ MLY B 309 -6.07 8.56 29.66
CH1 MLY B 309 -6.71 7.72 30.67
CH2 MLY B 309 -6.75 9.79 29.28
C MLY B 309 -4.39 4.26 25.89
O MLY B 309 -3.38 4.16 25.19
N ARG B 310 -5.48 4.94 25.53
CA ARG B 310 -5.55 5.71 24.29
C ARG B 310 -4.76 7.00 24.39
N VAL B 311 -3.84 7.18 23.44
CA VAL B 311 -2.92 8.30 23.42
C VAL B 311 -2.79 8.81 21.99
N PRO B 312 -2.74 10.15 21.83
CA PRO B 312 -2.81 10.69 20.48
C PRO B 312 -1.51 10.73 19.67
N ILE B 313 -1.64 10.49 18.37
CA ILE B 313 -0.60 10.74 17.40
C ILE B 313 -0.45 12.26 17.24
N VAL B 314 0.78 12.77 17.42
CA VAL B 314 1.03 14.21 17.39
C VAL B 314 2.05 14.57 16.32
N GLY B 315 1.84 15.71 15.68
CA GLY B 315 2.65 16.09 14.55
C GLY B 315 2.36 15.26 13.32
N ARG B 316 2.93 15.70 12.19
N ARG B 316 2.95 15.70 12.20
CA ARG B 316 2.72 15.02 10.93
CA ARG B 316 2.80 15.01 10.92
C ARG B 316 3.28 13.59 10.95
C ARG B 316 3.28 13.56 11.00
N VAL B 317 2.50 12.65 10.43
CA VAL B 317 2.93 11.27 10.23
C VAL B 317 3.97 11.33 9.13
N THR B 318 5.11 10.65 9.33
CA THR B 318 6.16 10.67 8.31
C THR B 318 6.14 9.35 7.54
N MET B 319 7.11 9.16 6.64
CA MET B 319 7.04 8.01 5.75
C MET B 319 7.12 6.71 6.51
N ASP B 320 7.95 6.70 7.54
CA ASP B 320 8.30 5.48 8.24
C ASP B 320 8.14 5.55 9.77
N GLN B 321 7.67 6.68 10.29
CA GLN B 321 7.62 6.91 11.73
C GLN B 321 6.50 7.88 12.06
N PHE B 322 5.98 7.76 13.27
CA PHE B 322 5.12 8.80 13.83
C PHE B 322 5.31 8.92 15.35
N MET B 323 4.85 10.04 15.88
CA MET B 323 5.07 10.39 17.28
C MET B 323 3.75 10.38 18.02
N ILE B 324 3.87 10.18 19.33
CA ILE B 324 2.71 9.96 20.22
C ILE B 324 2.98 10.73 21.50
N HIS B 325 1.96 11.42 22.00
CA HIS B 325 2.08 12.08 23.30
C HIS B 325 1.61 11.16 24.42
N LEU B 326 2.52 10.78 25.31
CA LEU B 326 2.18 9.88 26.43
C LEU B 326 2.03 10.69 27.71
N PRO B 327 1.18 10.23 28.65
CA PRO B 327 1.12 10.90 29.96
C PRO B 327 2.35 10.65 30.86
N CYS B 328 3.15 9.64 30.56
CA CYS B 328 4.28 9.29 31.40
C CYS B 328 5.31 8.52 30.60
N GLU B 329 6.51 8.42 31.17
CA GLU B 329 7.60 7.70 30.53
C GLU B 329 7.26 6.22 30.44
N VAL B 330 7.60 5.61 29.31
CA VAL B 330 7.58 4.16 29.16
C VAL B 330 8.93 3.73 28.60
N PRO B 331 9.32 2.46 28.83
CA PRO B 331 10.57 1.97 28.27
C PRO B 331 10.53 1.76 26.77
N LEU B 332 11.69 1.80 26.16
CA LEU B 332 11.85 1.36 24.78
C LEU B 332 11.33 -0.07 24.72
N GLY B 333 10.69 -0.41 23.61
CA GLY B 333 10.12 -1.74 23.43
C GLY B 333 8.65 -1.89 23.86
N THR B 334 8.11 -0.90 24.56
CA THR B 334 6.71 -0.89 24.96
C THR B 334 5.79 -1.09 23.75
N MLY B 335 4.87 -2.04 23.86
CA MLY B 335 3.97 -2.33 22.75
CB MLY B 335 3.18 -3.59 23.04
CG MLY B 335 2.49 -4.20 21.83
CD MLY B 335 1.72 -5.44 22.28
CE MLY B 335 1.09 -6.14 21.08
NZ MLY B 335 0.42 -7.38 21.50
CH1 MLY B 335 0.28 -7.77 22.90
CH2 MLY B 335 -0.09 -8.26 20.45
C MLY B 335 3.03 -1.19 22.49
O MLY B 335 2.48 -0.60 23.43
N VAL B 336 2.84 -0.86 21.22
CA VAL B 336 1.89 0.13 20.74
C VAL B 336 0.97 -0.57 19.77
N THR B 337 -0.34 -0.46 20.00
CA THR B 337 -1.33 -1.17 19.19
C THR B 337 -2.17 -0.18 18.43
N LEU B 338 -2.21 -0.39 17.12
CA LEU B 338 -2.87 0.53 16.20
C LEU B 338 -4.24 0.03 15.78
N ILE B 339 -4.31 -1.28 15.53
CA ILE B 339 -5.58 -1.97 15.32
C ILE B 339 -5.57 -3.19 16.22
N GLY B 340 -6.65 -3.36 16.98
CA GLY B 340 -6.79 -4.57 17.77
C GLY B 340 -6.82 -4.32 19.28
N ARG B 341 -6.57 -5.39 20.02
CA ARG B 341 -6.75 -5.40 21.46
C ARG B 341 -5.44 -5.16 22.16
N GLN B 342 -5.49 -4.36 23.22
CA GLN B 342 -4.37 -4.20 24.11
C GLN B 342 -4.94 -3.87 25.47
N GLY B 343 -4.75 -4.79 26.41
CA GLY B 343 -5.21 -4.63 27.78
C GLY B 343 -6.71 -4.40 27.82
N ASP B 344 -7.12 -3.27 28.39
CA ASP B 344 -8.54 -2.99 28.55
C ASP B 344 -9.12 -2.16 27.41
N GLU B 345 -8.44 -2.17 26.26
CA GLU B 345 -8.85 -1.37 25.11
C GLU B 345 -8.90 -2.22 23.83
N TYR B 346 -9.73 -1.77 22.89
CA TYR B 346 -9.75 -2.33 21.56
C TYR B 346 -9.99 -1.22 20.54
N ILE B 347 -9.16 -1.18 19.49
CA ILE B 347 -9.40 -0.27 18.37
C ILE B 347 -9.77 -1.10 17.14
N SER B 348 -11.02 -0.99 16.70
CA SER B 348 -11.43 -1.68 15.47
C SER B 348 -10.90 -1.01 14.22
N ALA B 349 -10.75 -1.77 13.15
CA ALA B 349 -10.44 -1.16 11.85
C ALA B 349 -11.51 -0.14 11.45
N THR B 350 -12.76 -0.37 11.85
N THR B 350 -12.77 -0.35 11.83
CA THR B 350 -13.83 0.59 11.60
CA THR B 350 -13.82 0.64 11.51
C THR B 350 -13.56 1.93 12.27
C THR B 350 -13.67 1.94 12.31
N GLU B 351 -13.09 1.88 13.51
CA GLU B 351 -12.74 3.12 14.25
C GLU B 351 -11.65 3.91 13.53
N VAL B 352 -10.61 3.22 13.08
CA VAL B 352 -9.57 3.85 12.26
C VAL B 352 -10.20 4.45 11.00
N ALA B 353 -11.07 3.68 10.36
CA ALA B 353 -11.68 4.09 9.10
C ALA B 353 -12.54 5.33 9.30
N GLU B 354 -13.36 5.33 10.36
CA GLU B 354 -14.22 6.48 10.64
C GLU B 354 -13.41 7.77 10.82
N TYR B 355 -12.35 7.69 11.60
CA TYR B 355 -11.49 8.86 11.81
C TYR B 355 -10.90 9.33 10.48
N SER B 356 -10.58 8.35 9.62
CA SER B 356 -9.92 8.59 8.33
C SER B 356 -10.86 9.01 7.20
N GLY B 357 -12.18 9.02 7.46
CA GLY B 357 -13.16 9.35 6.42
C GLY B 357 -13.28 8.24 5.38
N THR B 358 -13.16 7.00 5.82
CA THR B 358 -13.22 5.89 4.88
C THR B 358 -13.91 4.68 5.51
N ILE B 359 -13.64 3.49 4.97
CA ILE B 359 -14.26 2.24 5.44
C ILE B 359 -13.20 1.22 5.85
N ASN B 360 -13.60 0.28 6.70
CA ASN B 360 -12.68 -0.71 7.22
C ASN B 360 -11.93 -1.48 6.14
N TYR B 361 -12.64 -1.84 5.07
CA TYR B 361 -12.02 -2.53 3.93
C TYR B 361 -10.73 -1.86 3.49
N GLU B 362 -10.78 -0.54 3.38
CA GLU B 362 -9.63 0.22 2.85
C GLU B 362 -8.47 0.22 3.84
N ILE B 363 -8.80 0.37 5.13
CA ILE B 363 -7.78 0.36 6.18
C ILE B 363 -6.96 -0.92 6.18
N ILE B 364 -7.62 -2.07 6.21
CA ILE B 364 -6.91 -3.33 6.35
C ILE B 364 -6.18 -3.70 5.07
N THR B 365 -6.82 -3.46 3.93
CA THR B 365 -6.26 -3.90 2.67
C THR B 365 -5.01 -3.11 2.24
N THR B 366 -4.87 -1.89 2.73
CA THR B 366 -3.75 -1.04 2.35
C THR B 366 -2.55 -1.08 3.31
N ILE B 367 -2.54 -2.04 4.25
CA ILE B 367 -1.34 -2.24 5.06
C ILE B 367 -0.26 -2.82 4.13
N SER B 368 0.85 -2.09 3.96
CA SER B 368 1.87 -2.36 2.94
C SER B 368 2.44 -3.76 3.00
N PHE B 369 2.86 -4.25 1.84
CA PHE B 369 3.60 -5.51 1.76
C PHE B 369 4.94 -5.45 2.51
N ARG B 370 5.41 -4.27 2.91
CA ARG B 370 6.67 -4.22 3.67
C ARG B 370 6.50 -4.52 5.18
N VAL B 371 5.25 -4.70 5.64
CA VAL B 371 5.00 -5.08 7.04
C VAL B 371 4.90 -6.59 7.14
N PRO B 372 5.67 -7.21 8.02
CA PRO B 372 5.54 -8.66 8.18
C PRO B 372 4.20 -9.04 8.80
N ARG B 373 3.70 -10.23 8.46
CA ARG B 373 2.52 -10.84 9.08
C ARG B 373 2.96 -12.06 9.89
N ILE B 374 2.44 -12.12 11.12
CA ILE B 374 2.64 -13.23 12.03
C ILE B 374 1.30 -13.96 12.16
N PHE B 375 1.30 -15.27 11.92
CA PHE B 375 0.07 -16.07 11.93
C PHE B 375 -0.03 -16.92 13.19
N ILE B 376 -1.15 -16.78 13.87
CA ILE B 376 -1.40 -17.42 15.17
C ILE B 376 -2.48 -18.50 15.02
N ARG B 377 -2.19 -19.72 15.47
CA ARG B 377 -3.19 -20.80 15.53
C ARG B 377 -3.07 -21.49 16.88
N ASN B 378 -4.17 -21.60 17.61
CA ASN B 378 -4.19 -22.21 18.94
C ASN B 378 -3.27 -21.43 19.91
N GLY B 379 -3.26 -20.10 19.76
CA GLY B 379 -2.47 -19.21 20.59
C GLY B 379 -0.97 -19.24 20.35
N MLY B 380 -0.55 -19.93 19.30
CA MLY B 380 0.86 -20.13 18.99
CB MLY B 380 1.21 -21.61 18.94
CG MLY B 380 1.01 -22.38 20.24
CD MLY B 380 1.28 -23.88 19.97
CE MLY B 380 1.72 -24.68 21.19
NZ MLY B 380 0.58 -25.22 21.94
CH1 MLY B 380 -0.72 -25.45 21.32
CH2 MLY B 380 0.76 -25.56 23.34
C MLY B 380 1.18 -19.56 17.63
O MLY B 380 0.34 -19.63 16.73
N VAL B 381 2.38 -19.03 17.46
CA VAL B 381 2.86 -18.61 16.14
C VAL B 381 3.15 -19.84 15.30
N VAL B 382 2.51 -19.93 14.13
CA VAL B 382 2.72 -21.05 13.22
C VAL B 382 3.43 -20.65 11.92
N GLU B 383 3.46 -19.36 11.61
CA GLU B 383 4.07 -18.89 10.37
C GLU B 383 4.37 -17.40 10.50
N VAL B 384 5.47 -16.98 9.88
CA VAL B 384 5.77 -15.56 9.70
C VAL B 384 6.10 -15.36 8.23
N ILE B 385 5.43 -14.39 7.61
CA ILE B 385 5.69 -14.02 6.24
C ILE B 385 6.12 -12.57 6.16
N ASN B 386 7.33 -12.37 5.66
CA ASN B 386 7.89 -11.05 5.47
C ASN B 386 8.17 -10.91 3.99
N TYR B 387 7.26 -10.28 3.28
CA TYR B 387 7.38 -10.21 1.83
C TYR B 387 8.68 -9.56 1.34
N LEU B 388 9.27 -8.68 2.16
CA LEU B 388 10.56 -8.08 1.77
C LEU B 388 11.67 -9.11 1.57
N ASN B 389 11.64 -10.21 2.33
CA ASN B 389 12.60 -11.31 2.13
C ASN B 389 12.44 -12.03 0.79
N ASP B 390 11.23 -11.97 0.23
CA ASP B 390 10.89 -12.67 -1.00
C ASP B 390 11.25 -11.92 -2.27
N ILE B 391 11.43 -10.60 -2.20
CA ILE B 391 11.58 -9.83 -3.44
C ILE B 391 13.04 -9.70 -3.86
N1 PLP C . 16.68 12.26 5.36
C2 PLP C . 15.80 11.69 6.27
C2A PLP C . 16.26 11.47 7.68
C3 PLP C . 14.52 11.30 5.84
O3 PLP C . 13.67 10.79 6.61
C4 PLP C . 14.16 11.53 4.49
C4A PLP C . 12.79 11.11 4.03
C5 PLP C . 15.06 12.12 3.59
C6 PLP C . 16.33 12.49 4.04
C5A PLP C . 14.67 12.42 2.18
O4P PLP C . 13.82 13.62 2.14
P PLP C . 13.31 14.24 0.72
O1P PLP C . 12.46 15.41 1.07
O2P PLP C . 14.54 14.65 0.03
O3P PLP C . 12.57 13.12 0.05
MG MG D . 16.77 9.62 -22.60
CL CL E . 20.89 30.60 1.49
CL CL F . 14.96 12.48 11.97
MG MG G . -25.18 -22.94 -30.32
MG MG H . -4.67 5.90 -27.95
MG MG I . -32.92 -0.51 -16.35
N1 PLP J . -17.84 -10.55 -4.78
C2 PLP J . -17.28 -9.58 -5.58
C2A PLP J . -17.55 -9.52 -7.06
C3 PLP J . -16.43 -8.65 -4.99
O3 PLP J . -15.90 -7.76 -5.68
C4 PLP J . -16.19 -8.71 -3.60
C4A PLP J . -15.26 -7.72 -2.94
C5 PLP J . -16.79 -9.72 -2.82
C6 PLP J . -17.63 -10.62 -3.42
C5A PLP J . -16.60 -9.80 -1.32
O4P PLP J . -17.42 -8.80 -0.59
P PLP J . -17.44 -8.64 1.03
O1P PLP J . -17.97 -9.94 1.50
O2P PLP J . -18.31 -7.47 1.32
O3P PLP J . -16.02 -8.39 1.38
CL CL K . -19.18 -6.60 -10.31
#